data_3GB6
#
_entry.id   3GB6
#
_cell.length_a   56.500
_cell.length_b   67.180
_cell.length_c   172.180
_cell.angle_alpha   90.00
_cell.angle_beta   90.00
_cell.angle_gamma   90.00
#
_symmetry.space_group_name_H-M   'P 21 21 21'
#
loop_
_entity.id
_entity.type
_entity.pdbx_description
1 polymer 'Fructose-bisphosphate aldolase'
2 non-polymer 'ZINC ION'
3 non-polymer 1,6-di-O-phosphono-D-fructose
4 water water
#
_entity_poly.entity_id   1
_entity_poly.type   'polypeptide(L)'
_entity_poly.pdbx_seq_one_letter_code
;MPLCTLRQMLGEARKHKYGVGAFNVNNMEQIQGIMKAVVQLKSPVILQCSRGALKYSDMIYLKKLCEAALEKHPDIPICI
HLAHGDTLESVKMAIDLGFSSVMIDASHHPFDENVRITKEVVAYAHARGVSVEAELGTLGGIEEDVQNTVQLTEPQDAKK
FVELTGVDALAVAIGTSHGAYKFKSESDIRLAIDRVKTISDLTGIPLVMHGSSSVPKDVKDMINKYGGKMPDAVGVPIES
IVHAIGEGVCKINVDSDSRMAMTGAIRKVFVEHPEKFDPRDYLGPGRDAITEMLIPKIKAFGSAGHAGDYKVVSLEEAKA
WYK
;
_entity_poly.pdbx_strand_id   A,B
#
loop_
_chem_comp.id
_chem_comp.type
_chem_comp.name
_chem_comp.formula
P6F non-polymer 1,6-di-O-phosphono-D-fructose 'C6 H14 O12 P2'
ZN non-polymer 'ZINC ION' 'Zn 2'
#
# COMPACT_ATOMS: atom_id res chain seq x y z
N PRO A 2 17.74 5.16 10.74
CA PRO A 2 17.35 6.48 10.25
C PRO A 2 17.66 6.64 8.76
N LEU A 3 17.19 7.74 8.18
CA LEU A 3 17.47 8.03 6.79
C LEU A 3 19.00 8.15 6.63
N CYS A 4 19.51 7.55 5.58
CA CYS A 4 20.96 7.51 5.38
C CYS A 4 21.32 7.87 3.95
N THR A 5 22.46 8.53 3.77
CA THR A 5 22.91 8.88 2.43
C THR A 5 23.46 7.63 1.72
N LEU A 6 23.47 7.69 0.38
CA LEU A 6 24.03 6.59 -0.40
C LEU A 6 25.55 6.62 -0.20
N ARG A 7 26.14 7.82 -0.14
CA ARG A 7 27.59 7.94 0.05
C ARG A 7 28.09 7.22 1.31
N GLN A 8 27.46 7.45 2.46
CA GLN A 8 27.94 6.78 3.67
C GLN A 8 27.65 5.26 3.58
N MET A 9 26.41 4.91 3.28
CA MET A 9 25.98 3.51 3.19
C MET A 9 26.89 2.67 2.28
N LEU A 10 27.16 3.16 1.07
CA LEU A 10 28.00 2.35 0.18
C LEU A 10 29.49 2.46 0.53
N GLY A 11 29.87 3.56 1.18
CA GLY A 11 31.26 3.73 1.60
C GLY A 11 31.60 2.63 2.58
N GLU A 12 30.63 2.31 3.42
CA GLU A 12 30.75 1.27 4.41
C GLU A 12 30.78 -0.09 3.78
N ALA A 13 30.01 -0.30 2.71
CA ALA A 13 30.04 -1.58 2.02
C ALA A 13 31.36 -1.72 1.24
N ARG A 14 31.90 -0.61 0.68
CA ARG A 14 33.19 -0.71 -0.05
C ARG A 14 34.29 -1.21 0.94
N LYS A 15 34.40 -0.50 2.05
CA LYS A 15 35.32 -0.77 3.16
C LYS A 15 35.33 -2.25 3.64
N HIS A 16 34.16 -2.87 3.81
CA HIS A 16 34.07 -4.25 4.31
C HIS A 16 33.85 -5.28 3.23
N LYS A 17 33.83 -4.78 2.00
CA LYS A 17 33.66 -5.65 0.86
C LYS A 17 32.33 -6.41 0.83
N TYR A 18 31.23 -5.73 1.17
CA TYR A 18 29.93 -6.38 1.03
C TYR A 18 29.08 -5.55 0.07
N GLY A 19 27.92 -6.06 -0.32
CA GLY A 19 27.07 -5.28 -1.22
C GLY A 19 25.70 -5.04 -0.60
N VAL A 20 25.01 -3.97 -0.98
CA VAL A 20 23.70 -3.66 -0.43
C VAL A 20 22.64 -3.70 -1.51
N GLY A 21 21.64 -4.55 -1.35
CA GLY A 21 20.55 -4.63 -2.31
C GLY A 21 19.75 -3.33 -2.32
N ALA A 22 19.31 -2.91 -3.50
CA ALA A 22 18.50 -1.67 -3.68
C ALA A 22 17.23 -2.21 -4.31
N PHE A 23 16.13 -2.09 -3.59
CA PHE A 23 14.88 -2.69 -4.04
C PHE A 23 13.85 -1.65 -4.38
N ASN A 24 13.31 -1.72 -5.59
CA ASN A 24 12.29 -0.78 -6.04
C ASN A 24 11.02 -1.07 -5.25
N VAL A 25 10.29 -0.02 -4.86
CA VAL A 25 9.03 -0.18 -4.11
C VAL A 25 7.89 0.54 -4.84
N ASN A 26 6.70 -0.05 -4.83
CA ASN A 26 5.54 0.53 -5.52
C ASN A 26 4.31 0.60 -4.61
N ASN A 27 4.26 -0.24 -3.58
CA ASN A 27 3.13 -0.20 -2.67
C ASN A 27 3.43 -0.71 -1.26
N MET A 28 2.39 -0.85 -0.44
CA MET A 28 2.57 -1.23 0.94
C MET A 28 3.21 -2.61 1.17
N GLU A 29 2.58 -3.66 0.66
CA GLU A 29 3.11 -5.02 0.79
C GLU A 29 4.56 -5.19 0.32
N GLN A 30 4.97 -4.49 -0.75
CA GLN A 30 6.33 -4.61 -1.26
C GLN A 30 7.31 -4.07 -0.22
N ILE A 31 7.00 -2.89 0.32
CA ILE A 31 7.90 -2.27 1.30
C ILE A 31 8.00 -3.17 2.52
N GLN A 32 6.84 -3.70 2.96
CA GLN A 32 6.82 -4.58 4.15
C GLN A 32 7.61 -5.86 3.88
N GLY A 33 7.40 -6.44 2.69
CA GLY A 33 8.14 -7.64 2.34
C GLY A 33 9.64 -7.37 2.41
N ILE A 34 10.08 -6.24 1.86
CA ILE A 34 11.50 -5.89 1.88
C ILE A 34 12.01 -5.59 3.32
N MET A 35 11.27 -4.80 4.10
CA MET A 35 11.73 -4.43 5.45
C MET A 35 11.83 -5.62 6.39
N LYS A 36 10.93 -6.61 6.25
CA LYS A 36 10.97 -7.75 7.18
C LYS A 36 12.21 -8.56 6.95
N ALA A 37 12.68 -8.62 5.70
CA ALA A 37 13.92 -9.34 5.41
C ALA A 37 15.14 -8.53 5.93
N VAL A 38 15.22 -7.25 5.64
CA VAL A 38 16.41 -6.54 6.11
C VAL A 38 16.46 -6.42 7.63
N VAL A 39 15.30 -6.37 8.28
CA VAL A 39 15.27 -6.27 9.74
C VAL A 39 15.74 -7.60 10.38
N GLN A 40 15.23 -8.71 9.86
CA GLN A 40 15.57 -10.02 10.38
C GLN A 40 17.09 -10.29 10.27
N LEU A 41 17.70 -9.71 9.24
CA LEU A 41 19.13 -9.87 8.99
C LEU A 41 19.92 -8.65 9.48
N LYS A 42 19.28 -7.76 10.21
CA LYS A 42 19.97 -6.56 10.71
C LYS A 42 20.89 -6.02 9.60
N SER A 43 20.29 -5.69 8.46
CA SER A 43 20.99 -5.19 7.30
C SER A 43 20.53 -3.81 6.84
N PRO A 44 21.47 -3.00 6.32
CA PRO A 44 21.12 -1.67 5.82
C PRO A 44 20.32 -1.97 4.55
N VAL A 45 19.62 -0.98 4.03
CA VAL A 45 18.80 -1.21 2.84
C VAL A 45 18.60 0.08 2.04
N ILE A 46 18.36 -0.08 0.73
CA ILE A 46 18.10 1.05 -0.16
C ILE A 46 16.72 0.76 -0.78
N LEU A 47 15.81 1.70 -0.61
CA LEU A 47 14.49 1.52 -1.20
C LEU A 47 14.51 2.51 -2.33
N GLN A 48 14.34 2.05 -3.57
CA GLN A 48 14.38 3.01 -4.67
C GLN A 48 13.05 3.17 -5.36
N CYS A 49 12.76 4.41 -5.76
CA CYS A 49 11.49 4.69 -6.41
C CYS A 49 11.65 5.22 -7.83
N SER A 50 11.09 4.50 -8.81
CA SER A 50 11.14 4.92 -10.21
C SER A 50 10.05 5.96 -10.49
N ARG A 51 10.10 6.54 -11.70
CA ARG A 51 9.11 7.53 -12.08
C ARG A 51 7.82 6.75 -12.17
N GLY A 52 7.89 5.50 -12.62
CA GLY A 52 6.68 4.71 -12.74
C GLY A 52 6.01 4.42 -11.41
N ALA A 53 6.82 4.22 -10.38
CA ALA A 53 6.31 3.99 -9.04
C ALA A 53 5.65 5.23 -8.48
N LEU A 54 6.29 6.38 -8.68
CA LEU A 54 5.74 7.62 -8.19
C LEU A 54 4.43 7.91 -8.92
N LYS A 55 4.34 7.57 -10.20
CA LYS A 55 3.08 7.80 -10.92
C LYS A 55 1.98 6.90 -10.35
N TYR A 56 2.32 5.61 -10.16
CA TYR A 56 1.38 4.60 -9.65
C TYR A 56 0.78 4.93 -8.28
N SER A 57 1.56 5.60 -7.45
CA SER A 57 1.16 5.95 -6.09
C SER A 57 0.88 7.46 -5.93
N ASP A 58 0.61 8.14 -7.04
CA ASP A 58 0.30 9.58 -6.97
C ASP A 58 1.30 10.29 -6.05
N MET A 59 2.50 9.72 -6.00
CA MET A 59 3.58 10.25 -5.18
C MET A 59 3.42 10.37 -3.66
N ILE A 60 2.40 11.09 -3.19
CA ILE A 60 2.22 11.21 -1.74
C ILE A 60 2.11 9.84 -1.03
N TYR A 61 1.41 8.87 -1.62
CA TYR A 61 1.26 7.58 -0.96
C TYR A 61 2.58 6.87 -0.78
N LEU A 62 3.45 6.92 -1.80
CA LEU A 62 4.76 6.26 -1.68
C LEU A 62 5.63 6.99 -0.64
N LYS A 63 5.61 8.31 -0.67
CA LYS A 63 6.36 9.09 0.30
C LYS A 63 5.92 8.71 1.73
N LYS A 64 4.61 8.55 1.90
CA LYS A 64 4.11 8.20 3.21
C LYS A 64 4.49 6.78 3.60
N LEU A 65 4.41 5.84 2.67
CA LEU A 65 4.85 4.48 2.99
C LEU A 65 6.31 4.43 3.46
N CYS A 66 7.20 5.16 2.80
CA CYS A 66 8.63 5.17 3.18
C CYS A 66 8.78 5.80 4.55
N GLU A 67 7.92 6.76 4.86
CA GLU A 67 7.99 7.39 6.17
C GLU A 67 7.66 6.35 7.22
N ALA A 68 6.64 5.55 6.93
CA ALA A 68 6.26 4.53 7.88
C ALA A 68 7.41 3.56 8.16
N ALA A 69 8.15 3.21 7.11
CA ALA A 69 9.27 2.30 7.26
C ALA A 69 10.37 2.91 8.14
N LEU A 70 10.68 4.17 7.85
CA LEU A 70 11.71 4.90 8.58
C LEU A 70 11.40 5.04 10.04
N GLU A 71 10.10 5.17 10.31
CA GLU A 71 9.59 5.32 11.66
C GLU A 71 9.48 4.01 12.44
N LYS A 72 9.07 2.95 11.75
CA LYS A 72 8.89 1.65 12.39
C LYS A 72 10.22 1.00 12.77
N HIS A 73 11.28 1.27 12.00
CA HIS A 73 12.62 0.70 12.23
C HIS A 73 13.73 1.77 12.27
N PRO A 74 13.71 2.65 13.29
CA PRO A 74 14.71 3.71 13.44
C PRO A 74 16.17 3.24 13.45
N ASP A 75 16.40 2.01 13.86
CA ASP A 75 17.74 1.46 13.97
C ASP A 75 18.35 0.92 12.68
N ILE A 76 17.57 0.92 11.60
CA ILE A 76 18.07 0.44 10.31
C ILE A 76 18.49 1.61 9.41
N PRO A 77 19.76 1.59 8.92
CA PRO A 77 20.17 2.69 8.03
C PRO A 77 19.29 2.46 6.78
N ILE A 78 18.52 3.47 6.41
CA ILE A 78 17.63 3.33 5.27
C ILE A 78 17.88 4.44 4.28
N CYS A 79 18.27 4.08 3.06
CA CYS A 79 18.47 5.09 2.02
C CYS A 79 17.27 5.13 1.11
N ILE A 80 16.69 6.30 0.93
CA ILE A 80 15.54 6.46 0.04
C ILE A 80 16.12 7.09 -1.23
N HIS A 81 16.11 6.34 -2.33
CA HIS A 81 16.77 6.71 -3.59
C HIS A 81 15.88 6.88 -4.82
N LEU A 82 16.04 7.99 -5.58
CA LEU A 82 15.26 8.17 -6.83
C LEU A 82 15.95 7.19 -7.75
N ALA A 83 15.23 6.14 -8.16
CA ALA A 83 15.85 5.05 -8.92
C ALA A 83 16.49 5.34 -10.26
N HIS A 84 15.89 6.24 -11.03
CA HIS A 84 16.39 6.47 -12.37
C HIS A 84 15.90 7.80 -12.94
N GLY A 85 16.35 8.91 -12.37
CA GLY A 85 15.93 10.22 -12.86
C GLY A 85 16.64 10.53 -14.18
N ASP A 86 15.96 11.22 -15.11
CA ASP A 86 16.63 11.56 -16.37
C ASP A 86 16.91 13.06 -16.55
N THR A 87 16.41 13.91 -15.65
CA THR A 87 16.65 15.37 -15.69
C THR A 87 16.95 15.96 -14.31
N LEU A 88 17.39 17.23 -14.29
CA LEU A 88 17.65 17.92 -13.03
C LEU A 88 16.29 18.09 -12.31
N GLU A 89 15.25 18.35 -13.09
CA GLU A 89 13.90 18.53 -12.57
C GLU A 89 13.39 17.31 -11.77
N SER A 90 13.65 16.10 -12.25
CA SER A 90 13.19 14.92 -11.52
C SER A 90 13.98 14.85 -10.20
N VAL A 91 15.21 15.35 -10.22
CA VAL A 91 16.03 15.38 -9.02
C VAL A 91 15.51 16.38 -7.98
N LYS A 92 15.15 17.59 -8.40
CA LYS A 92 14.64 18.58 -7.42
C LYS A 92 13.35 18.03 -6.82
N MET A 93 12.55 17.40 -7.66
CA MET A 93 11.29 16.81 -7.22
C MET A 93 11.52 15.77 -6.11
N ALA A 94 12.43 14.83 -6.35
CA ALA A 94 12.77 13.77 -5.39
C ALA A 94 13.37 14.33 -4.09
N ILE A 95 14.25 15.30 -4.24
CA ILE A 95 14.87 15.93 -3.09
C ILE A 95 13.79 16.66 -2.28
N ASP A 96 12.83 17.26 -2.95
CA ASP A 96 11.74 17.93 -2.23
C ASP A 96 10.91 16.92 -1.45
N LEU A 97 10.71 15.73 -2.00
CA LEU A 97 9.96 14.69 -1.31
C LEU A 97 10.74 14.13 -0.11
N GLY A 98 11.98 14.57 0.04
CA GLY A 98 12.79 14.11 1.16
C GLY A 98 13.81 13.00 0.89
N PHE A 99 13.96 12.55 -0.36
CA PHE A 99 14.94 11.48 -0.66
C PHE A 99 16.34 11.86 -0.20
N SER A 100 17.19 10.87 0.06
CA SER A 100 18.55 11.15 0.48
C SER A 100 19.53 10.88 -0.63
N SER A 101 19.01 10.41 -1.75
CA SER A 101 19.88 10.06 -2.86
C SER A 101 19.11 10.04 -4.18
N VAL A 102 19.79 10.31 -5.28
CA VAL A 102 19.16 10.28 -6.57
C VAL A 102 20.11 9.70 -7.60
N MET A 103 19.53 9.15 -8.66
CA MET A 103 20.35 8.66 -9.77
C MET A 103 20.04 9.58 -10.96
N ILE A 104 21.05 10.04 -11.70
CA ILE A 104 20.80 10.84 -12.90
C ILE A 104 21.45 9.99 -14.00
N ASP A 105 20.64 9.53 -14.93
CA ASP A 105 21.13 8.70 -16.02
C ASP A 105 21.13 9.44 -17.35
N ALA A 106 22.33 9.74 -17.85
CA ALA A 106 22.46 10.45 -19.12
C ALA A 106 23.42 9.64 -19.97
N SER A 107 23.51 8.35 -19.66
CA SER A 107 24.39 7.41 -20.38
C SER A 107 24.05 7.23 -21.86
N HIS A 108 22.85 7.59 -22.29
CA HIS A 108 22.54 7.47 -23.71
C HIS A 108 22.97 8.69 -24.50
N HIS A 109 23.64 9.62 -23.82
CA HIS A 109 24.20 10.82 -24.44
C HIS A 109 25.68 10.62 -24.58
N PRO A 110 26.32 11.41 -25.44
CA PRO A 110 27.77 11.31 -25.62
C PRO A 110 28.44 11.77 -24.31
N PHE A 111 29.65 11.28 -24.08
CA PHE A 111 30.43 11.57 -22.90
C PHE A 111 30.30 13.01 -22.35
N ASP A 112 30.71 14.03 -23.10
CA ASP A 112 30.67 15.40 -22.60
C ASP A 112 29.27 15.89 -22.18
N GLU A 113 28.23 15.38 -22.84
CA GLU A 113 26.86 15.76 -22.50
C GLU A 113 26.44 14.99 -21.22
N ASN A 114 26.88 13.74 -21.11
CA ASN A 114 26.61 12.91 -19.92
C ASN A 114 27.28 13.66 -18.76
N VAL A 115 28.54 14.05 -18.93
CA VAL A 115 29.26 14.80 -17.91
C VAL A 115 28.52 16.09 -17.51
N ARG A 116 28.17 16.91 -18.51
CA ARG A 116 27.43 18.16 -18.30
C ARG A 116 26.10 17.97 -17.56
N ILE A 117 25.21 17.12 -18.08
CA ILE A 117 23.93 16.87 -17.40
C ILE A 117 24.17 16.37 -15.97
N THR A 118 25.05 15.37 -15.81
CA THR A 118 25.38 14.83 -14.48
C THR A 118 26.01 15.89 -13.56
N LYS A 119 26.89 16.75 -14.08
CA LYS A 119 27.49 17.79 -13.22
C LYS A 119 26.48 18.75 -12.61
N GLU A 120 25.46 19.10 -13.38
CA GLU A 120 24.43 20.02 -12.95
C GLU A 120 23.73 19.47 -11.70
N VAL A 121 23.36 18.20 -11.80
CA VAL A 121 22.71 17.46 -10.74
C VAL A 121 23.60 17.34 -9.50
N VAL A 122 24.89 17.10 -9.71
CA VAL A 122 25.81 16.95 -8.57
C VAL A 122 25.87 18.25 -7.77
N ALA A 123 25.89 19.39 -8.47
CA ALA A 123 25.95 20.71 -7.81
C ALA A 123 24.71 20.89 -6.95
N TYR A 124 23.53 20.63 -7.51
CA TYR A 124 22.29 20.77 -6.77
C TYR A 124 22.15 19.78 -5.62
N ALA A 125 22.46 18.51 -5.87
CA ALA A 125 22.32 17.50 -4.83
C ALA A 125 23.28 17.67 -3.67
N HIS A 126 24.56 17.84 -3.97
CA HIS A 126 25.58 17.97 -2.94
C HIS A 126 25.40 19.23 -2.10
N ALA A 127 24.75 20.24 -2.66
CA ALA A 127 24.49 21.47 -1.92
C ALA A 127 23.50 21.16 -0.78
N ARG A 128 22.72 20.09 -0.93
CA ARG A 128 21.77 19.75 0.11
C ARG A 128 22.13 18.47 0.86
N GLY A 129 23.35 17.97 0.63
CA GLY A 129 23.80 16.75 1.30
C GLY A 129 23.38 15.44 0.64
N VAL A 130 22.60 15.52 -0.44
CA VAL A 130 22.06 14.36 -1.14
C VAL A 130 23.04 13.64 -2.05
N SER A 131 23.05 12.31 -1.98
CA SER A 131 23.95 11.51 -2.80
C SER A 131 23.57 11.45 -4.29
N VAL A 132 24.55 11.24 -5.15
CA VAL A 132 24.27 11.13 -6.58
C VAL A 132 24.91 9.92 -7.24
N GLU A 133 24.10 9.11 -7.90
CA GLU A 133 24.61 7.99 -8.65
C GLU A 133 24.41 8.34 -10.14
N ALA A 134 25.41 8.07 -10.99
CA ALA A 134 25.23 8.30 -12.42
C ALA A 134 25.67 7.04 -13.18
N GLU A 135 25.55 7.06 -14.49
CA GLU A 135 25.93 5.89 -15.26
C GLU A 135 26.83 6.21 -16.43
N LEU A 136 27.74 5.30 -16.76
CA LEU A 136 28.60 5.46 -17.94
C LEU A 136 28.52 4.11 -18.63
N GLY A 137 27.97 4.09 -19.84
CA GLY A 137 27.80 2.83 -20.54
C GLY A 137 26.32 2.45 -20.55
N THR A 138 25.90 1.53 -21.44
CA THR A 138 24.49 1.15 -21.51
C THR A 138 24.10 -0.29 -21.21
N LEU A 139 22.90 -0.49 -20.69
CA LEU A 139 22.47 -1.83 -20.37
C LEU A 139 22.13 -2.62 -21.64
N GLY A 140 22.15 -3.94 -21.52
CA GLY A 140 21.86 -4.82 -22.63
C GLY A 140 22.77 -6.03 -22.61
N GLY A 141 22.34 -7.12 -23.26
CA GLY A 141 23.14 -8.31 -23.30
C GLY A 141 24.14 -8.27 -24.45
N ILE A 142 25.33 -8.81 -24.20
CA ILE A 142 26.46 -8.81 -25.15
C ILE A 142 26.08 -9.59 -26.42
N GLU A 143 25.57 -10.81 -26.25
CA GLU A 143 25.14 -11.64 -27.38
C GLU A 143 23.69 -11.33 -27.86
N ASN A 148 28.29 -5.00 -31.31
CA ASN A 148 27.34 -4.08 -31.92
C ASN A 148 26.88 -2.82 -31.13
N THR A 149 25.61 -2.75 -30.70
CA THR A 149 25.13 -1.50 -30.07
C THR A 149 25.17 -1.24 -28.56
N VAL A 150 25.36 -2.27 -27.75
CA VAL A 150 25.46 -2.09 -26.33
C VAL A 150 26.80 -1.42 -26.08
N GLN A 151 26.86 -0.50 -25.13
CA GLN A 151 28.13 0.15 -24.88
C GLN A 151 28.62 -0.16 -23.46
N LEU A 152 29.47 -1.18 -23.36
CA LEU A 152 30.06 -1.56 -22.08
C LEU A 152 30.98 -0.44 -21.56
N THR A 153 31.13 -0.40 -20.25
CA THR A 153 31.94 0.62 -19.61
C THR A 153 33.43 0.41 -19.91
N GLU A 154 34.10 1.46 -20.40
CA GLU A 154 35.57 1.42 -20.65
C GLU A 154 36.21 1.98 -19.37
N PRO A 155 36.92 1.15 -18.59
CA PRO A 155 37.54 1.61 -17.35
C PRO A 155 38.25 2.97 -17.42
N GLN A 156 39.16 3.16 -18.37
CA GLN A 156 39.83 4.44 -18.43
C GLN A 156 38.88 5.64 -18.61
N ASP A 157 37.74 5.43 -19.26
CA ASP A 157 36.81 6.53 -19.39
C ASP A 157 36.03 6.72 -18.08
N ALA A 158 35.75 5.63 -17.37
CA ALA A 158 35.07 5.72 -16.08
C ALA A 158 35.95 6.57 -15.12
N LYS A 159 37.27 6.39 -15.18
CA LYS A 159 38.17 7.16 -14.32
C LYS A 159 37.95 8.65 -14.59
N LYS A 160 37.86 9.01 -15.87
CA LYS A 160 37.70 10.39 -16.26
C LYS A 160 36.35 10.94 -15.88
N PHE A 161 35.31 10.14 -16.11
CA PHE A 161 33.97 10.56 -15.82
C PHE A 161 33.82 10.96 -14.35
N VAL A 162 34.24 10.10 -13.44
CA VAL A 162 34.17 10.38 -12.00
C VAL A 162 34.98 11.62 -11.60
N GLU A 163 36.20 11.75 -12.12
CA GLU A 163 37.02 12.95 -11.83
C GLU A 163 36.31 14.24 -12.30
N LEU A 164 35.66 14.19 -13.45
CA LEU A 164 34.96 15.34 -13.99
C LEU A 164 33.62 15.64 -13.32
N THR A 165 32.99 14.64 -12.71
CA THR A 165 31.68 14.88 -12.11
C THR A 165 31.61 14.86 -10.60
N GLY A 166 32.42 14.02 -9.97
CA GLY A 166 32.41 13.93 -8.53
C GLY A 166 31.18 13.21 -8.03
N VAL A 167 30.66 12.27 -8.83
CA VAL A 167 29.51 11.51 -8.36
C VAL A 167 29.97 10.63 -7.20
N ASP A 168 29.00 10.22 -6.38
CA ASP A 168 29.23 9.39 -5.20
C ASP A 168 29.30 7.92 -5.58
N ALA A 169 28.60 7.53 -6.65
CA ALA A 169 28.58 6.13 -7.10
C ALA A 169 28.36 6.08 -8.61
N LEU A 170 28.87 5.03 -9.24
CA LEU A 170 28.79 4.89 -10.69
C LEU A 170 28.15 3.57 -11.14
N ALA A 171 27.13 3.65 -11.97
CA ALA A 171 26.47 2.47 -12.45
C ALA A 171 27.32 1.97 -13.63
N VAL A 172 27.66 0.69 -13.66
CA VAL A 172 28.50 0.18 -14.76
C VAL A 172 27.76 -0.77 -15.71
N ALA A 173 28.18 -0.74 -16.97
CA ALA A 173 27.55 -1.55 -18.02
C ALA A 173 28.40 -2.79 -18.24
N ILE A 174 27.85 -3.96 -17.94
CA ILE A 174 28.66 -5.15 -18.00
C ILE A 174 27.96 -6.36 -18.59
N GLY A 175 26.88 -6.13 -19.33
CA GLY A 175 26.18 -7.26 -19.91
C GLY A 175 24.84 -7.59 -19.28
N THR A 176 24.51 -6.94 -18.17
CA THR A 176 23.18 -7.17 -17.58
C THR A 176 22.13 -6.34 -18.33
N SER A 177 20.87 -6.64 -18.09
CA SER A 177 19.77 -5.92 -18.71
C SER A 177 18.52 -6.11 -17.78
N HIS A 178 17.50 -5.28 -17.99
CA HIS A 178 16.27 -5.33 -17.17
C HIS A 178 15.38 -6.51 -17.53
N GLY A 179 14.57 -6.97 -16.61
CA GLY A 179 13.62 -8.00 -17.00
C GLY A 179 13.99 -9.42 -16.65
N ALA A 180 13.03 -10.31 -16.89
CA ALA A 180 13.15 -11.72 -16.59
C ALA A 180 13.76 -12.58 -17.69
N TYR A 181 14.25 -11.97 -18.76
CA TYR A 181 14.79 -12.79 -19.87
C TYR A 181 16.17 -12.24 -20.29
N LYS A 182 17.12 -12.30 -19.37
CA LYS A 182 18.43 -11.69 -19.59
C LYS A 182 19.43 -12.38 -20.50
N PHE A 183 19.23 -13.68 -20.71
CA PHE A 183 20.13 -14.45 -21.55
C PHE A 183 19.25 -15.46 -22.29
N LYS A 184 19.64 -15.89 -23.48
CA LYS A 184 18.81 -16.84 -24.25
C LYS A 184 18.61 -18.18 -23.54
N SER A 185 19.55 -18.56 -22.67
CA SER A 185 19.43 -19.81 -21.91
C SER A 185 20.34 -19.75 -20.71
N GLU A 186 20.17 -20.66 -19.75
CA GLU A 186 21.02 -20.68 -18.55
C GLU A 186 22.35 -21.32 -18.84
N SER A 187 22.41 -22.06 -19.95
CA SER A 187 23.63 -22.74 -20.36
C SER A 187 24.63 -21.78 -21.00
N ASP A 188 24.15 -20.61 -21.40
CA ASP A 188 25.05 -19.62 -21.98
C ASP A 188 24.76 -18.22 -21.47
N ILE A 189 25.38 -17.91 -20.32
CA ILE A 189 25.27 -16.65 -19.64
C ILE A 189 26.62 -15.92 -19.81
N ARG A 190 26.65 -14.80 -20.51
CA ARG A 190 27.90 -14.08 -20.74
C ARG A 190 27.90 -12.73 -20.11
N LEU A 191 28.80 -12.52 -19.16
CA LEU A 191 28.91 -11.23 -18.47
C LEU A 191 30.34 -10.71 -18.59
N ALA A 192 30.52 -9.40 -18.42
CA ALA A 192 31.84 -8.81 -18.55
C ALA A 192 32.26 -8.28 -17.19
N ILE A 193 32.33 -9.18 -16.21
CA ILE A 193 32.67 -8.79 -14.83
C ILE A 193 34.14 -8.58 -14.54
N ASP A 194 35.02 -9.04 -15.43
CA ASP A 194 36.46 -8.88 -15.21
C ASP A 194 36.90 -7.43 -14.98
N ARG A 195 36.25 -6.51 -15.66
CA ARG A 195 36.58 -5.09 -15.59
C ARG A 195 36.14 -4.38 -14.29
N VAL A 196 35.23 -4.97 -13.55
CA VAL A 196 34.76 -4.34 -12.30
C VAL A 196 35.91 -3.86 -11.40
N LYS A 197 36.83 -4.77 -11.07
CA LYS A 197 37.98 -4.46 -10.22
C LYS A 197 38.78 -3.25 -10.74
N THR A 198 39.00 -3.25 -12.05
CA THR A 198 39.74 -2.18 -12.71
C THR A 198 38.96 -0.86 -12.63
N ILE A 199 37.65 -0.93 -12.75
CA ILE A 199 36.85 0.29 -12.64
C ILE A 199 36.90 0.81 -11.21
N SER A 200 36.76 -0.09 -10.26
CA SER A 200 36.77 0.26 -8.87
C SER A 200 38.10 0.89 -8.48
N ASP A 201 39.21 0.26 -8.85
CA ASP A 201 40.52 0.81 -8.52
C ASP A 201 40.75 2.17 -9.15
N LEU A 202 40.46 2.30 -10.44
CA LEU A 202 40.64 3.58 -11.17
C LEU A 202 39.74 4.70 -10.73
N THR A 203 38.50 4.39 -10.34
CA THR A 203 37.61 5.47 -9.88
C THR A 203 37.77 5.76 -8.40
N GLY A 204 38.04 4.72 -7.62
CA GLY A 204 38.14 4.85 -6.17
C GLY A 204 36.78 5.01 -5.50
N ILE A 205 35.69 4.63 -6.19
CA ILE A 205 34.36 4.80 -5.59
C ILE A 205 33.42 3.60 -5.75
N PRO A 206 32.33 3.55 -4.95
CA PRO A 206 31.34 2.48 -5.00
C PRO A 206 30.71 2.32 -6.39
N LEU A 207 30.57 1.07 -6.84
CA LEU A 207 29.98 0.78 -8.16
C LEU A 207 28.57 0.20 -8.04
N VAL A 208 27.73 0.41 -9.05
CA VAL A 208 26.36 -0.10 -8.98
C VAL A 208 26.07 -1.01 -10.18
N MET A 209 25.37 -2.11 -9.93
CA MET A 209 24.97 -3.03 -10.98
C MET A 209 23.46 -2.92 -11.13
N HIS A 210 23.00 -2.75 -12.37
CA HIS A 210 21.55 -2.69 -12.65
C HIS A 210 21.17 -4.00 -13.37
N GLY A 211 19.88 -4.26 -13.46
CA GLY A 211 19.38 -5.46 -14.14
C GLY A 211 19.89 -6.73 -13.51
N SER A 212 19.99 -6.71 -12.19
CA SER A 212 20.58 -7.82 -11.48
C SER A 212 19.74 -8.79 -10.68
N SER A 213 18.50 -9.00 -11.10
CA SER A 213 17.64 -9.98 -10.46
C SER A 213 18.25 -11.34 -10.87
N SER A 214 18.06 -12.37 -10.06
CA SER A 214 18.62 -13.67 -10.39
C SER A 214 17.61 -14.67 -10.99
N VAL A 215 16.32 -14.36 -10.84
CA VAL A 215 15.24 -15.26 -11.29
C VAL A 215 15.45 -16.64 -10.64
N PRO A 216 15.30 -16.70 -9.30
CA PRO A 216 15.47 -17.93 -8.54
C PRO A 216 14.55 -19.02 -9.04
N LYS A 217 15.01 -20.26 -8.96
CA LYS A 217 14.25 -21.40 -9.46
C LYS A 217 12.85 -21.59 -8.86
N ASP A 218 12.75 -21.56 -7.53
CA ASP A 218 11.43 -21.80 -6.92
C ASP A 218 10.39 -20.76 -7.30
N VAL A 219 10.80 -19.50 -7.44
CA VAL A 219 9.85 -18.44 -7.82
C VAL A 219 9.32 -18.60 -9.24
N LYS A 220 10.19 -18.99 -10.16
CA LYS A 220 9.81 -19.25 -11.56
C LYS A 220 8.94 -20.49 -11.68
N ASP A 221 9.33 -21.57 -11.00
CA ASP A 221 8.56 -22.80 -11.05
C ASP A 221 7.13 -22.57 -10.56
N MET A 222 6.95 -21.77 -9.49
CA MET A 222 5.59 -21.52 -8.97
C MET A 222 4.71 -20.76 -9.95
N ILE A 223 5.29 -19.79 -10.63
CA ILE A 223 4.52 -19.06 -11.59
C ILE A 223 4.07 -19.99 -12.72
N ASN A 224 4.97 -20.75 -13.30
CA ASN A 224 4.60 -21.65 -14.41
C ASN A 224 3.73 -22.84 -14.01
N LYS A 225 3.81 -23.21 -12.74
CA LYS A 225 3.02 -24.32 -12.24
C LYS A 225 1.57 -23.90 -12.10
N TYR A 226 1.35 -22.64 -11.70
CA TYR A 226 -0.01 -22.16 -11.48
C TYR A 226 -0.60 -21.21 -12.52
N GLY A 227 -0.40 -21.55 -13.79
CA GLY A 227 -1.01 -20.80 -14.87
C GLY A 227 -0.25 -19.66 -15.52
N GLY A 228 0.93 -19.33 -14.97
CA GLY A 228 1.72 -18.28 -15.56
C GLY A 228 2.41 -18.81 -16.80
N LYS A 229 2.87 -17.88 -17.62
CA LYS A 229 3.55 -18.23 -18.86
C LYS A 229 4.94 -17.57 -18.90
N MET A 230 5.92 -18.08 -18.15
CA MET A 230 7.27 -17.52 -18.20
C MET A 230 8.23 -18.69 -18.30
N PRO A 231 8.00 -19.55 -19.30
CA PRO A 231 8.91 -20.71 -19.40
C PRO A 231 10.41 -20.44 -19.63
N ASP A 232 10.78 -19.37 -20.34
CA ASP A 232 12.22 -19.14 -20.62
C ASP A 232 12.96 -18.10 -19.73
N ALA A 233 12.42 -17.80 -18.56
CA ALA A 233 13.02 -16.77 -17.69
C ALA A 233 14.39 -17.16 -17.18
N VAL A 234 15.31 -16.18 -17.18
CA VAL A 234 16.67 -16.39 -16.74
C VAL A 234 17.24 -15.06 -16.27
N GLY A 235 17.90 -15.07 -15.11
CA GLY A 235 18.50 -13.87 -14.56
C GLY A 235 19.99 -14.06 -14.33
N VAL A 236 20.60 -13.12 -13.57
CA VAL A 236 22.02 -13.18 -13.25
C VAL A 236 22.28 -14.15 -12.08
N PRO A 237 23.20 -15.12 -12.26
CA PRO A 237 23.53 -16.10 -11.22
C PRO A 237 24.05 -15.38 -9.99
N ILE A 238 23.63 -15.83 -8.81
CA ILE A 238 24.09 -15.17 -7.59
C ILE A 238 25.62 -15.21 -7.40
N GLU A 239 26.28 -16.25 -7.89
CA GLU A 239 27.76 -16.37 -7.80
C GLU A 239 28.42 -15.20 -8.51
N SER A 240 27.88 -14.87 -9.68
CA SER A 240 28.46 -13.77 -10.47
C SER A 240 28.37 -12.47 -9.69
N ILE A 241 27.20 -12.26 -9.10
CA ILE A 241 26.99 -11.05 -8.32
C ILE A 241 27.96 -11.03 -7.12
N VAL A 242 28.05 -12.13 -6.39
CA VAL A 242 29.01 -12.20 -5.28
C VAL A 242 30.45 -11.91 -5.82
N HIS A 243 30.81 -12.44 -7.00
CA HIS A 243 32.17 -12.13 -7.51
C HIS A 243 32.30 -10.62 -7.79
N ALA A 244 31.30 -10.01 -8.43
CA ALA A 244 31.38 -8.59 -8.69
C ALA A 244 31.45 -7.78 -7.39
N ILE A 245 30.71 -8.21 -6.37
CA ILE A 245 30.75 -7.53 -5.08
C ILE A 245 32.15 -7.51 -4.52
N GLY A 246 32.80 -8.66 -4.57
CA GLY A 246 34.16 -8.77 -4.07
C GLY A 246 35.12 -7.88 -4.83
N GLU A 247 34.73 -7.45 -6.02
CA GLU A 247 35.61 -6.61 -6.83
C GLU A 247 35.27 -5.14 -6.78
N GLY A 248 34.29 -4.76 -5.96
CA GLY A 248 33.98 -3.35 -5.83
C GLY A 248 32.55 -2.95 -6.06
N VAL A 249 31.69 -3.87 -6.54
CA VAL A 249 30.28 -3.51 -6.69
C VAL A 249 29.69 -3.47 -5.27
N CYS A 250 29.04 -2.35 -4.91
CA CYS A 250 28.44 -2.11 -3.59
C CYS A 250 26.91 -1.96 -3.54
N LYS A 251 26.25 -1.74 -4.69
CA LYS A 251 24.80 -1.58 -4.77
C LYS A 251 24.25 -2.47 -5.90
N ILE A 252 23.26 -3.30 -5.61
CA ILE A 252 22.72 -4.19 -6.63
C ILE A 252 21.23 -3.99 -6.80
N ASN A 253 20.81 -3.48 -7.95
CA ASN A 253 19.38 -3.24 -8.21
C ASN A 253 18.63 -4.52 -8.54
N VAL A 254 17.56 -4.77 -7.81
CA VAL A 254 16.76 -5.97 -7.95
C VAL A 254 15.31 -5.60 -7.85
N ASP A 255 14.54 -5.96 -8.88
CA ASP A 255 13.13 -5.62 -8.89
C ASP A 255 12.30 -6.80 -9.39
N SER A 256 12.65 -7.31 -10.55
CA SER A 256 11.93 -8.43 -11.14
C SER A 256 11.72 -9.61 -10.16
N ASP A 257 12.77 -9.98 -9.41
CA ASP A 257 12.69 -11.08 -8.43
C ASP A 257 11.51 -10.86 -7.46
N SER A 258 11.34 -9.62 -6.94
CA SER A 258 10.21 -9.29 -6.01
C SER A 258 8.90 -9.34 -6.78
N ARG A 259 8.90 -8.86 -8.02
CA ARG A 259 7.71 -8.94 -8.86
C ARG A 259 7.25 -10.38 -9.02
N MET A 260 8.16 -11.24 -9.46
CA MET A 260 7.83 -12.65 -9.62
C MET A 260 7.40 -13.32 -8.32
N ALA A 261 8.16 -13.12 -7.24
CA ALA A 261 7.80 -13.75 -5.96
C ALA A 261 6.36 -13.41 -5.58
N MET A 262 5.94 -12.14 -5.72
CA MET A 262 4.54 -11.82 -5.36
C MET A 262 3.51 -12.50 -6.30
N THR A 263 3.80 -12.50 -7.59
CA THR A 263 2.91 -13.08 -8.61
C THR A 263 2.75 -14.60 -8.47
N GLY A 264 3.86 -15.30 -8.23
CA GLY A 264 3.80 -16.75 -8.01
C GLY A 264 2.93 -17.12 -6.81
N ALA A 265 3.08 -16.37 -5.72
CA ALA A 265 2.35 -16.52 -4.46
C ALA A 265 0.85 -16.32 -4.67
N ILE A 266 0.48 -15.25 -5.37
CA ILE A 266 -0.92 -15.02 -5.62
C ILE A 266 -1.48 -16.14 -6.52
N ARG A 267 -0.78 -16.47 -7.59
CA ARG A 267 -1.22 -17.54 -8.50
C ARG A 267 -1.44 -18.86 -7.75
N LYS A 268 -0.59 -19.16 -6.78
CA LYS A 268 -0.79 -20.41 -6.06
C LYS A 268 -2.09 -20.34 -5.21
N VAL A 269 -2.31 -19.25 -4.45
CA VAL A 269 -3.55 -19.16 -3.68
C VAL A 269 -4.77 -19.22 -4.58
N PHE A 270 -4.72 -18.55 -5.74
CA PHE A 270 -5.86 -18.57 -6.67
C PHE A 270 -6.25 -20.03 -7.03
N VAL A 271 -5.25 -20.88 -7.28
CA VAL A 271 -5.48 -22.27 -7.67
C VAL A 271 -5.89 -23.19 -6.54
N GLU A 272 -5.18 -23.14 -5.41
CA GLU A 272 -5.51 -24.01 -4.28
C GLU A 272 -6.78 -23.63 -3.50
N HIS A 273 -7.11 -22.35 -3.48
CA HIS A 273 -8.34 -21.91 -2.81
C HIS A 273 -9.08 -20.94 -3.69
N PRO A 274 -9.73 -21.42 -4.75
CA PRO A 274 -10.44 -20.49 -5.63
C PRO A 274 -11.64 -19.79 -5.03
N GLU A 275 -12.10 -20.22 -3.86
CA GLU A 275 -13.24 -19.53 -3.25
C GLU A 275 -12.82 -18.26 -2.47
N LYS A 276 -11.53 -18.08 -2.28
CA LYS A 276 -11.09 -16.91 -1.50
C LYS A 276 -11.03 -15.64 -2.34
N PHE A 277 -11.51 -14.55 -1.76
CA PHE A 277 -11.55 -13.28 -2.49
C PHE A 277 -11.09 -12.06 -1.71
N ASP A 278 -10.61 -12.29 -0.50
CA ASP A 278 -10.10 -11.17 0.27
C ASP A 278 -8.65 -10.92 -0.15
N PRO A 279 -8.37 -9.76 -0.70
CA PRO A 279 -7.01 -9.42 -1.11
C PRO A 279 -5.96 -9.79 -0.05
N ARG A 280 -6.28 -9.67 1.25
CA ARG A 280 -5.25 -10.04 2.24
C ARG A 280 -4.94 -11.52 2.13
N ASP A 281 -5.90 -12.30 1.63
CA ASP A 281 -5.74 -13.75 1.49
C ASP A 281 -4.59 -14.11 0.55
N TYR A 282 -4.34 -13.29 -0.48
CA TYR A 282 -3.23 -13.56 -1.40
C TYR A 282 -2.08 -12.54 -1.41
N LEU A 283 -2.36 -11.27 -1.07
CA LEU A 283 -1.30 -10.25 -1.02
C LEU A 283 -0.41 -10.52 0.21
N GLY A 284 -1.01 -11.12 1.23
CA GLY A 284 -0.29 -11.54 2.44
C GLY A 284 0.82 -12.53 2.07
N PRO A 285 0.47 -13.70 1.48
CA PRO A 285 1.46 -14.70 1.06
C PRO A 285 2.42 -14.07 0.04
N GLY A 286 1.92 -13.13 -0.79
CA GLY A 286 2.78 -12.42 -1.75
C GLY A 286 3.87 -11.59 -1.07
N ARG A 287 3.48 -10.89 -0.03
CA ARG A 287 4.42 -10.09 0.76
C ARG A 287 5.48 -10.99 1.42
N ASP A 288 5.02 -12.12 1.96
CA ASP A 288 5.90 -13.04 2.64
C ASP A 288 6.81 -13.80 1.71
N ALA A 289 6.34 -14.08 0.50
CA ALA A 289 7.18 -14.77 -0.47
C ALA A 289 8.29 -13.80 -0.88
N ILE A 290 8.01 -12.50 -0.84
CA ILE A 290 9.06 -11.54 -1.14
C ILE A 290 10.12 -11.66 -0.04
N THR A 291 9.67 -11.63 1.21
CA THR A 291 10.61 -11.75 2.33
C THR A 291 11.48 -13.03 2.22
N GLU A 292 10.85 -14.18 1.96
CA GLU A 292 11.57 -15.45 1.92
C GLU A 292 12.58 -15.59 0.78
N MET A 293 12.24 -15.02 -0.38
CA MET A 293 13.09 -15.03 -1.57
C MET A 293 14.31 -14.15 -1.29
N LEU A 294 14.07 -12.98 -0.68
CA LEU A 294 15.12 -12.00 -0.37
C LEU A 294 16.15 -12.38 0.73
N ILE A 295 15.74 -13.14 1.74
CA ILE A 295 16.66 -13.53 2.79
C ILE A 295 17.93 -14.25 2.28
N PRO A 296 17.81 -15.30 1.45
CA PRO A 296 19.09 -15.89 1.04
C PRO A 296 19.92 -14.94 0.13
N LYS A 297 19.24 -14.01 -0.55
CA LYS A 297 19.89 -13.05 -1.43
C LYS A 297 20.70 -12.04 -0.62
N ILE A 298 20.07 -11.48 0.42
CA ILE A 298 20.75 -10.49 1.24
C ILE A 298 21.99 -11.07 1.91
N LYS A 299 21.91 -12.29 2.41
CA LYS A 299 23.08 -12.94 3.00
C LYS A 299 24.23 -13.05 1.98
N ALA A 300 23.92 -13.50 0.76
CA ALA A 300 24.92 -13.61 -0.29
C ALA A 300 25.52 -12.22 -0.60
N PHE A 301 24.70 -11.17 -0.64
CA PHE A 301 25.22 -9.82 -0.95
C PHE A 301 26.19 -9.48 0.19
N GLY A 302 25.92 -9.97 1.40
CA GLY A 302 26.83 -9.74 2.50
C GLY A 302 26.51 -8.60 3.45
N SER A 303 25.37 -7.94 3.26
CA SER A 303 25.06 -6.85 4.16
C SER A 303 24.44 -7.31 5.49
N ALA A 304 24.10 -8.59 5.64
CA ALA A 304 23.53 -9.08 6.89
C ALA A 304 24.50 -8.81 8.05
N GLY A 305 23.96 -8.25 9.13
CA GLY A 305 24.76 -7.98 10.33
C GLY A 305 25.37 -6.60 10.43
N HIS A 306 25.29 -5.83 9.34
CA HIS A 306 25.95 -4.54 9.28
C HIS A 306 25.15 -3.31 9.60
N ALA A 307 23.85 -3.43 9.79
CA ALA A 307 23.03 -2.28 10.12
C ALA A 307 23.52 -1.47 11.31
N GLY A 308 24.15 -2.11 12.28
CA GLY A 308 24.62 -1.39 13.47
C GLY A 308 26.09 -0.95 13.44
N ASP A 309 26.75 -1.13 12.30
CA ASP A 309 28.18 -0.78 12.18
C ASP A 309 28.53 0.70 12.28
N TYR A 310 27.61 1.59 11.95
CA TYR A 310 27.95 3.01 11.97
C TYR A 310 26.84 3.94 12.40
N LYS A 311 27.25 5.15 12.76
CA LYS A 311 26.31 6.18 13.18
C LYS A 311 25.96 6.99 11.96
N VAL A 312 24.69 6.97 11.62
CA VAL A 312 24.21 7.68 10.44
C VAL A 312 24.30 9.19 10.42
N VAL A 313 25.04 9.68 9.44
CA VAL A 313 25.17 11.10 9.21
C VAL A 313 23.87 11.55 8.54
N SER A 314 23.35 12.69 8.98
CA SER A 314 22.13 13.26 8.44
C SER A 314 22.42 14.11 7.21
N LEU A 315 21.40 14.38 6.40
CA LEU A 315 21.60 15.20 5.22
C LEU A 315 22.27 16.53 5.54
N GLU A 316 21.84 17.16 6.64
CA GLU A 316 22.39 18.45 7.03
C GLU A 316 23.88 18.37 7.28
N GLU A 317 24.32 17.35 8.02
CA GLU A 317 25.74 17.19 8.28
C GLU A 317 26.51 16.80 7.02
N ALA A 318 25.84 16.10 6.11
CA ALA A 318 26.48 15.63 4.88
C ALA A 318 26.97 16.75 3.98
N LYS A 319 26.31 17.90 4.04
CA LYS A 319 26.72 19.06 3.26
C LYS A 319 28.19 19.42 3.43
N ALA A 320 28.75 19.08 4.59
CA ALA A 320 30.13 19.38 4.92
C ALA A 320 31.12 18.55 4.13
N TRP A 321 30.68 17.42 3.58
CA TRP A 321 31.54 16.55 2.82
C TRP A 321 31.89 17.19 1.49
N TYR A 322 31.02 18.09 1.06
CA TYR A 322 31.20 18.70 -0.25
C TYR A 322 31.57 20.19 -0.22
N LYS A 323 31.94 20.69 0.96
CA LYS A 323 32.37 22.09 1.15
C LYS A 323 33.78 22.13 1.75
N PRO B 2 -10.95 17.36 4.89
CA PRO B 2 -10.18 17.31 6.17
C PRO B 2 -10.67 16.16 7.05
N LEU B 3 -9.98 15.91 8.17
CA LEU B 3 -10.41 14.85 9.09
C LEU B 3 -11.74 15.29 9.68
N CYS B 4 -12.74 14.45 9.54
CA CYS B 4 -14.05 14.82 10.01
C CYS B 4 -14.63 13.83 11.00
N THR B 5 -15.39 14.33 11.99
CA THR B 5 -16.04 13.47 12.95
C THR B 5 -17.23 12.76 12.27
N LEU B 6 -17.59 11.61 12.81
CA LEU B 6 -18.72 10.87 12.31
C LEU B 6 -20.00 11.66 12.66
N ARG B 7 -20.05 12.22 13.87
CA ARG B 7 -21.21 12.99 14.33
C ARG B 7 -21.58 14.08 13.29
N GLN B 8 -20.59 14.85 12.84
CA GLN B 8 -20.92 15.89 11.87
C GLN B 8 -21.27 15.31 10.52
N MET B 9 -20.47 14.37 10.03
CA MET B 9 -20.73 13.81 8.70
C MET B 9 -22.10 13.17 8.58
N LEU B 10 -22.47 12.34 9.55
CA LEU B 10 -23.76 11.67 9.50
C LEU B 10 -24.88 12.64 9.87
N GLY B 11 -24.54 13.68 10.61
CA GLY B 11 -25.52 14.67 10.98
C GLY B 11 -26.01 15.36 9.72
N GLU B 12 -25.08 15.65 8.83
CA GLU B 12 -25.37 16.34 7.58
C GLU B 12 -26.13 15.40 6.70
N ALA B 13 -25.75 14.13 6.72
CA ALA B 13 -26.49 13.16 5.92
C ALA B 13 -27.91 12.93 6.42
N ARG B 14 -28.10 12.86 7.75
CA ARG B 14 -29.45 12.62 8.26
C ARG B 14 -30.39 13.75 7.85
N LYS B 15 -29.90 14.96 8.00
CA LYS B 15 -30.63 16.18 7.68
C LYS B 15 -31.06 16.31 6.20
N HIS B 16 -30.24 15.81 5.27
CA HIS B 16 -30.52 15.88 3.83
C HIS B 16 -30.96 14.56 3.22
N LYS B 17 -31.28 13.60 4.08
CA LYS B 17 -31.74 12.28 3.70
C LYS B 17 -30.85 11.53 2.70
N TYR B 18 -29.55 11.49 2.99
CA TYR B 18 -28.65 10.67 2.20
C TYR B 18 -27.82 9.79 3.13
N GLY B 19 -27.07 8.87 2.54
CA GLY B 19 -26.23 7.97 3.30
C GLY B 19 -24.81 8.13 2.81
N VAL B 20 -23.85 7.83 3.67
CA VAL B 20 -22.45 7.91 3.28
C VAL B 20 -21.87 6.49 3.35
N GLY B 21 -21.18 6.06 2.29
CA GLY B 21 -20.55 4.77 2.31
C GLY B 21 -19.35 4.74 3.26
N ALA B 22 -19.20 3.65 3.99
CA ALA B 22 -18.08 3.50 4.90
C ALA B 22 -17.39 2.28 4.34
N PHE B 23 -16.21 2.49 3.74
CA PHE B 23 -15.48 1.43 3.10
C PHE B 23 -14.25 0.99 3.88
N ASN B 24 -14.09 -0.32 4.11
CA ASN B 24 -12.94 -0.80 4.87
C ASN B 24 -11.73 -0.71 3.99
N VAL B 25 -10.59 -0.31 4.56
CA VAL B 25 -9.37 -0.26 3.79
C VAL B 25 -8.31 -1.17 4.41
N ASN B 26 -7.41 -1.65 3.56
CA ASN B 26 -6.37 -2.53 4.03
C ASN B 26 -4.97 -2.24 3.47
N ASN B 27 -4.89 -1.47 2.39
CA ASN B 27 -3.60 -1.17 1.77
C ASN B 27 -3.72 0.04 0.85
N MET B 28 -2.66 0.37 0.15
CA MET B 28 -2.64 1.52 -0.76
C MET B 28 -3.68 1.52 -1.89
N GLU B 29 -3.68 0.47 -2.74
CA GLU B 29 -4.60 0.41 -3.87
C GLU B 29 -6.07 0.52 -3.48
N GLN B 30 -6.44 -0.11 -2.36
CA GLN B 30 -7.83 -0.05 -1.90
C GLN B 30 -8.21 1.38 -1.54
N ILE B 31 -7.36 2.09 -0.79
CA ILE B 31 -7.66 3.49 -0.41
C ILE B 31 -7.74 4.41 -1.65
N GLN B 32 -6.86 4.18 -2.62
CA GLN B 32 -6.84 4.96 -3.85
C GLN B 32 -8.12 4.79 -4.67
N GLY B 33 -8.55 3.55 -4.85
CA GLY B 33 -9.75 3.25 -5.60
C GLY B 33 -11.00 3.88 -4.97
N ILE B 34 -11.05 3.86 -3.64
CA ILE B 34 -12.16 4.47 -2.93
C ILE B 34 -12.06 5.98 -3.11
N MET B 35 -10.88 6.54 -2.87
CA MET B 35 -10.74 8.00 -2.96
C MET B 35 -11.08 8.55 -4.35
N LYS B 36 -10.65 7.86 -5.40
CA LYS B 36 -10.91 8.34 -6.74
C LYS B 36 -12.42 8.38 -6.94
N ALA B 37 -13.15 7.39 -6.44
CA ALA B 37 -14.60 7.41 -6.60
C ALA B 37 -15.25 8.55 -5.84
N VAL B 38 -14.89 8.77 -4.59
CA VAL B 38 -15.58 9.84 -3.87
C VAL B 38 -15.14 11.24 -4.30
N VAL B 39 -13.94 11.34 -4.84
CA VAL B 39 -13.40 12.61 -5.31
C VAL B 39 -14.10 12.95 -6.62
N GLN B 40 -14.22 11.95 -7.48
CA GLN B 40 -14.92 12.14 -8.75
C GLN B 40 -16.38 12.56 -8.50
N LEU B 41 -17.02 12.04 -7.44
CA LEU B 41 -18.43 12.38 -7.15
C LEU B 41 -18.63 13.48 -6.10
N LYS B 42 -17.56 14.19 -5.73
CA LYS B 42 -17.63 15.23 -4.69
C LYS B 42 -18.46 14.80 -3.45
N SER B 43 -18.15 13.61 -2.99
CA SER B 43 -18.83 12.99 -1.87
C SER B 43 -18.02 12.87 -0.60
N PRO B 44 -18.68 12.99 0.56
CA PRO B 44 -17.93 12.80 1.81
C PRO B 44 -17.65 11.27 1.85
N VAL B 45 -16.78 10.82 2.74
CA VAL B 45 -16.45 9.39 2.78
C VAL B 45 -15.98 8.96 4.16
N ILE B 46 -16.19 7.69 4.49
CA ILE B 46 -15.67 7.14 5.72
C ILE B 46 -14.75 5.98 5.34
N LEU B 47 -13.50 6.06 5.77
CA LEU B 47 -12.57 4.96 5.53
C LEU B 47 -12.53 4.22 6.87
N GLN B 48 -12.81 2.91 6.89
CA GLN B 48 -12.78 2.25 8.17
C GLN B 48 -11.80 1.12 8.18
N CYS B 49 -11.14 0.98 9.33
CA CYS B 49 -10.12 0.01 9.52
C CYS B 49 -10.47 -0.89 10.64
N SER B 50 -10.45 -2.18 10.33
CA SER B 50 -10.74 -3.19 11.33
C SER B 50 -9.44 -3.53 12.04
N ARG B 51 -9.57 -4.24 13.14
CA ARG B 51 -8.44 -4.74 13.88
C ARG B 51 -7.56 -5.60 12.92
N GLY B 52 -8.16 -6.38 12.02
CA GLY B 52 -7.40 -7.19 11.08
C GLY B 52 -6.53 -6.35 10.15
N ALA B 53 -7.11 -5.28 9.63
CA ALA B 53 -6.43 -4.31 8.78
C ALA B 53 -5.25 -3.67 9.52
N LEU B 54 -5.45 -3.34 10.78
CA LEU B 54 -4.38 -2.71 11.54
C LEU B 54 -3.26 -3.73 11.77
N LYS B 55 -3.59 -5.01 11.89
CA LYS B 55 -2.54 -6.02 12.06
C LYS B 55 -1.87 -6.26 10.68
N TYR B 56 -2.69 -6.42 9.64
CA TYR B 56 -2.17 -6.61 8.30
C TYR B 56 -1.15 -5.56 7.90
N SER B 57 -1.39 -4.32 8.34
CA SER B 57 -0.56 -3.17 7.99
C SER B 57 0.40 -2.70 9.08
N ASP B 58 0.62 -3.53 10.10
CA ASP B 58 1.50 -3.19 11.23
C ASP B 58 1.14 -1.78 11.75
N MET B 59 -0.13 -1.43 11.66
CA MET B 59 -0.68 -0.13 12.09
C MET B 59 -0.12 1.16 11.47
N ILE B 60 1.17 1.41 11.65
CA ILE B 60 1.76 2.63 11.11
C ILE B 60 1.57 2.85 9.58
N TYR B 61 1.64 1.78 8.78
CA TYR B 61 1.50 1.92 7.30
C TYR B 61 0.11 2.38 6.89
N LEU B 62 -0.91 1.89 7.58
CA LEU B 62 -2.27 2.33 7.29
C LEU B 62 -2.50 3.76 7.79
N LYS B 63 -1.91 4.10 8.93
CA LYS B 63 -2.02 5.47 9.45
C LYS B 63 -1.46 6.47 8.45
N LYS B 64 -0.25 6.16 7.97
CA LYS B 64 0.41 6.99 6.99
C LYS B 64 -0.37 7.06 5.70
N LEU B 65 -0.93 5.94 5.24
CA LEU B 65 -1.67 5.98 3.98
C LEU B 65 -2.90 6.85 4.09
N CYS B 66 -3.60 6.77 5.23
CA CYS B 66 -4.76 7.60 5.45
C CYS B 66 -4.32 9.09 5.42
N GLU B 67 -3.15 9.40 5.97
CA GLU B 67 -2.62 10.78 5.99
C GLU B 67 -2.42 11.24 4.56
N ALA B 68 -1.87 10.35 3.72
CA ALA B 68 -1.67 10.61 2.31
C ALA B 68 -3.02 11.00 1.68
N ALA B 69 -4.08 10.23 1.97
CA ALA B 69 -5.41 10.57 1.44
C ALA B 69 -5.91 11.92 1.98
N LEU B 70 -5.74 12.18 3.28
CA LEU B 70 -6.21 13.45 3.84
C LEU B 70 -5.48 14.66 3.24
N GLU B 71 -4.18 14.52 3.01
CA GLU B 71 -3.36 15.58 2.44
C GLU B 71 -3.58 15.79 0.92
N LYS B 72 -3.77 14.69 0.18
CA LYS B 72 -4.02 14.74 -1.27
C LYS B 72 -5.35 15.39 -1.62
N HIS B 73 -6.34 15.21 -0.75
CA HIS B 73 -7.65 15.77 -1.02
C HIS B 73 -8.16 16.57 0.19
N PRO B 74 -7.54 17.72 0.47
CA PRO B 74 -7.93 18.55 1.61
C PRO B 74 -9.39 18.98 1.67
N ASP B 75 -10.08 19.01 0.53
CA ASP B 75 -11.46 19.48 0.51
C ASP B 75 -12.56 18.45 0.79
N ILE B 76 -12.20 17.17 0.82
CA ILE B 76 -13.17 16.13 1.07
C ILE B 76 -13.30 15.86 2.57
N PRO B 77 -14.53 15.86 3.11
CA PRO B 77 -14.60 15.55 4.53
C PRO B 77 -14.35 14.02 4.55
N ILE B 78 -13.40 13.58 5.38
CA ILE B 78 -13.03 12.18 5.43
C ILE B 78 -13.01 11.80 6.89
N CYS B 79 -13.78 10.77 7.22
CA CYS B 79 -13.79 10.29 8.57
C CYS B 79 -13.01 9.00 8.62
N ILE B 80 -12.08 8.90 9.57
CA ILE B 80 -11.29 7.67 9.74
C ILE B 80 -11.87 6.97 10.96
N HIS B 81 -12.48 5.81 10.74
CA HIS B 81 -13.21 5.12 11.79
C HIS B 81 -12.72 3.69 12.12
N LEU B 82 -12.72 3.33 13.40
CA LEU B 82 -12.33 1.98 13.82
C LEU B 82 -13.58 1.17 13.54
N ALA B 83 -13.47 0.29 12.58
CA ALA B 83 -14.61 -0.48 12.10
C ALA B 83 -15.38 -1.32 13.11
N HIS B 84 -14.71 -1.90 14.09
CA HIS B 84 -15.45 -2.80 14.96
C HIS B 84 -14.65 -3.12 16.24
N GLY B 85 -14.54 -2.17 17.15
CA GLY B 85 -13.84 -2.44 18.39
C GLY B 85 -14.68 -3.28 19.34
N ASP B 86 -14.05 -4.16 20.11
CA ASP B 86 -14.74 -5.00 21.07
C ASP B 86 -14.51 -4.57 22.50
N THR B 87 -13.46 -3.79 22.70
CA THR B 87 -13.04 -3.38 24.05
C THR B 87 -12.64 -1.92 24.08
N LEU B 88 -12.56 -1.37 25.28
CA LEU B 88 -12.11 0.01 25.44
C LEU B 88 -10.65 0.02 25.02
N GLU B 89 -9.97 -1.12 25.21
CA GLU B 89 -8.57 -1.19 24.79
C GLU B 89 -8.36 -0.92 23.30
N SER B 90 -9.24 -1.42 22.45
CA SER B 90 -9.11 -1.24 20.99
C SER B 90 -9.43 0.17 20.58
N VAL B 91 -10.43 0.74 21.23
CA VAL B 91 -10.80 2.11 20.99
C VAL B 91 -9.61 3.06 21.32
N LYS B 92 -8.93 2.78 22.43
CA LYS B 92 -7.81 3.60 22.89
C LYS B 92 -6.67 3.61 21.90
N MET B 93 -6.48 2.48 21.26
CA MET B 93 -5.44 2.34 20.28
C MET B 93 -5.77 3.08 18.95
N ALA B 94 -7.03 3.11 18.56
CA ALA B 94 -7.41 3.83 17.33
C ALA B 94 -7.30 5.33 17.60
N ILE B 95 -7.64 5.73 18.82
CA ILE B 95 -7.56 7.14 19.19
C ILE B 95 -6.12 7.59 19.17
N ASP B 96 -5.19 6.74 19.65
CA ASP B 96 -3.76 7.07 19.66
C ASP B 96 -3.19 7.15 18.24
N LEU B 97 -3.82 6.49 17.30
CA LEU B 97 -3.43 6.56 15.89
C LEU B 97 -4.03 7.79 15.25
N GLY B 98 -4.90 8.48 15.98
CA GLY B 98 -5.51 9.67 15.43
C GLY B 98 -6.85 9.50 14.71
N PHE B 99 -7.54 8.38 14.90
CA PHE B 99 -8.86 8.21 14.27
C PHE B 99 -9.86 9.27 14.76
N SER B 100 -10.83 9.59 13.92
CA SER B 100 -11.84 10.56 14.37
C SER B 100 -13.14 9.89 14.85
N SER B 101 -13.21 8.56 14.78
CA SER B 101 -14.45 7.86 15.16
C SER B 101 -14.16 6.39 15.50
N VAL B 102 -14.94 5.84 16.42
CA VAL B 102 -14.77 4.45 16.78
C VAL B 102 -16.08 3.69 16.88
N MET B 103 -16.08 2.40 16.55
CA MET B 103 -17.27 1.59 16.79
C MET B 103 -17.00 0.71 18.01
N ILE B 104 -17.94 0.66 18.96
CA ILE B 104 -17.76 -0.24 20.09
C ILE B 104 -18.96 -1.15 20.00
N ASP B 105 -18.73 -2.44 19.74
CA ASP B 105 -19.81 -3.39 19.62
C ASP B 105 -19.86 -4.36 20.81
N ALA B 106 -20.83 -4.15 21.67
CA ALA B 106 -21.05 -5.01 22.82
C ALA B 106 -22.45 -5.61 22.74
N SER B 107 -22.92 -5.74 21.50
CA SER B 107 -24.26 -6.24 21.20
C SER B 107 -24.52 -7.72 21.56
N HIS B 108 -23.47 -8.49 21.81
CA HIS B 108 -23.70 -9.88 22.22
C HIS B 108 -23.85 -10.03 23.73
N HIS B 109 -23.80 -8.90 24.43
CA HIS B 109 -23.97 -8.82 25.86
C HIS B 109 -25.42 -8.40 26.19
N PRO B 110 -25.92 -8.79 27.38
CA PRO B 110 -27.28 -8.41 27.77
C PRO B 110 -27.38 -6.87 27.73
N PHE B 111 -28.58 -6.34 27.45
CA PHE B 111 -28.79 -4.90 27.36
C PHE B 111 -27.97 -4.09 28.38
N ASP B 112 -28.10 -4.40 29.67
CA ASP B 112 -27.39 -3.63 30.70
C ASP B 112 -25.88 -3.62 30.55
N GLU B 113 -25.28 -4.77 30.24
CA GLU B 113 -23.83 -4.84 30.10
C GLU B 113 -23.39 -4.10 28.82
N ASN B 114 -24.22 -4.16 27.77
CA ASN B 114 -23.92 -3.48 26.51
C ASN B 114 -23.81 -1.99 26.84
N VAL B 115 -24.79 -1.50 27.58
CA VAL B 115 -24.87 -0.11 27.97
C VAL B 115 -23.63 0.28 28.80
N ARG B 116 -23.27 -0.58 29.77
CA ARG B 116 -22.10 -0.28 30.61
C ARG B 116 -20.82 -0.18 29.78
N ILE B 117 -20.55 -1.21 28.99
CA ILE B 117 -19.35 -1.20 28.15
C ILE B 117 -19.34 -0.02 27.18
N THR B 118 -20.49 0.23 26.56
CA THR B 118 -20.58 1.33 25.62
C THR B 118 -20.35 2.70 26.27
N LYS B 119 -20.98 2.94 27.43
CA LYS B 119 -20.78 4.23 28.15
C LYS B 119 -19.33 4.58 28.49
N GLU B 120 -18.59 3.57 28.91
CA GLU B 120 -17.18 3.73 29.28
C GLU B 120 -16.39 4.18 28.03
N VAL B 121 -16.72 3.62 26.86
CA VAL B 121 -16.05 4.03 25.63
C VAL B 121 -16.54 5.42 25.25
N VAL B 122 -17.81 5.70 25.46
CA VAL B 122 -18.33 7.05 25.12
C VAL B 122 -17.63 8.09 26.00
N ALA B 123 -17.43 7.81 27.28
CA ALA B 123 -16.78 8.83 28.13
C ALA B 123 -15.36 9.13 27.63
N TYR B 124 -14.60 8.09 27.37
CA TYR B 124 -13.23 8.25 26.90
C TYR B 124 -13.12 8.94 25.53
N ALA B 125 -13.88 8.45 24.56
CA ALA B 125 -13.88 9.01 23.19
C ALA B 125 -14.33 10.47 23.13
N HIS B 126 -15.44 10.79 23.80
CA HIS B 126 -15.98 12.15 23.74
C HIS B 126 -15.08 13.17 24.39
N ALA B 127 -14.29 12.76 25.38
CA ALA B 127 -13.34 13.69 25.99
C ALA B 127 -12.31 14.16 24.94
N ARG B 128 -12.15 13.43 23.83
CA ARG B 128 -11.22 13.84 22.75
C ARG B 128 -11.99 14.41 21.54
N GLY B 129 -13.32 14.35 21.58
CA GLY B 129 -14.10 14.86 20.46
C GLY B 129 -14.38 13.78 19.42
N VAL B 130 -13.91 12.57 19.73
CA VAL B 130 -14.05 11.40 18.87
C VAL B 130 -15.45 10.78 18.96
N SER B 131 -16.03 10.46 17.81
CA SER B 131 -17.38 9.92 17.76
C SER B 131 -17.48 8.45 18.13
N VAL B 132 -18.66 8.02 18.57
CA VAL B 132 -18.85 6.61 18.89
C VAL B 132 -20.11 5.99 18.26
N GLU B 133 -19.89 4.88 17.58
CA GLU B 133 -20.99 4.10 17.02
C GLU B 133 -21.15 2.84 17.88
N ALA B 134 -22.38 2.47 18.28
CA ALA B 134 -22.52 1.22 19.05
C ALA B 134 -23.56 0.35 18.34
N GLU B 135 -23.87 -0.82 18.90
CA GLU B 135 -24.81 -1.69 18.24
C GLU B 135 -25.80 -2.31 19.24
N LEU B 136 -27.06 -2.38 18.83
CA LEU B 136 -28.14 -2.98 19.63
C LEU B 136 -28.85 -3.93 18.68
N GLY B 137 -28.74 -5.22 18.94
CA GLY B 137 -29.32 -6.21 18.03
C GLY B 137 -28.13 -6.92 17.41
N THR B 138 -28.31 -8.15 16.93
CA THR B 138 -27.19 -8.90 16.36
C THR B 138 -27.36 -9.19 14.87
N LEU B 139 -26.24 -9.23 14.15
CA LEU B 139 -26.19 -9.47 12.72
C LEU B 139 -26.50 -10.89 12.40
N GLY B 140 -27.03 -11.09 11.20
CA GLY B 140 -27.37 -12.43 10.79
C GLY B 140 -28.70 -12.39 10.05
N GLY B 141 -28.95 -13.39 9.23
CA GLY B 141 -30.17 -13.41 8.46
C GLY B 141 -31.31 -14.07 9.23
N ILE B 142 -32.52 -13.78 8.75
CA ILE B 142 -33.77 -14.26 9.30
C ILE B 142 -34.13 -15.70 8.88
N GLU B 143 -33.88 -16.09 7.62
CA GLU B 143 -34.20 -17.49 7.23
C GLU B 143 -33.24 -18.50 7.87
N THR B 149 -31.97 -17.44 16.86
CA THR B 149 -30.99 -16.79 17.75
C THR B 149 -30.67 -15.33 17.35
N VAL B 150 -30.71 -15.03 16.05
CA VAL B 150 -30.49 -13.66 15.60
C VAL B 150 -31.47 -12.75 16.35
N GLN B 151 -30.96 -11.66 16.94
CA GLN B 151 -31.80 -10.72 17.69
C GLN B 151 -31.97 -9.41 16.90
N LEU B 152 -33.13 -9.19 16.27
CA LEU B 152 -33.37 -7.96 15.51
C LEU B 152 -33.51 -6.81 16.48
N THR B 153 -33.24 -5.59 16.04
CA THR B 153 -33.31 -4.46 16.95
C THR B 153 -34.74 -4.17 17.38
N GLU B 154 -34.93 -4.01 18.69
CA GLU B 154 -36.25 -3.64 19.26
C GLU B 154 -36.20 -2.09 19.38
N PRO B 155 -36.92 -1.40 18.50
CA PRO B 155 -36.93 0.08 18.48
C PRO B 155 -37.14 0.82 19.81
N GLN B 156 -38.02 0.31 20.66
CA GLN B 156 -38.28 0.98 21.94
C GLN B 156 -37.05 0.83 22.83
N ASP B 157 -36.39 -0.33 22.73
CA ASP B 157 -35.16 -0.58 23.49
C ASP B 157 -34.04 0.30 22.92
N ALA B 158 -34.02 0.48 21.61
CA ALA B 158 -33.01 1.30 20.92
C ALA B 158 -33.07 2.72 21.44
N LYS B 159 -34.28 3.18 21.73
CA LYS B 159 -34.48 4.53 22.23
C LYS B 159 -33.86 4.64 23.63
N LYS B 160 -34.14 3.65 24.48
CA LYS B 160 -33.57 3.68 25.83
C LYS B 160 -32.05 3.59 25.77
N PHE B 161 -31.53 2.71 24.91
CA PHE B 161 -30.08 2.49 24.79
C PHE B 161 -29.36 3.77 24.42
N VAL B 162 -29.93 4.52 23.49
CA VAL B 162 -29.31 5.75 23.04
C VAL B 162 -29.36 6.84 24.13
N GLU B 163 -30.47 6.89 24.86
CA GLU B 163 -30.61 7.85 25.95
C GLU B 163 -29.58 7.58 27.05
N LEU B 164 -29.37 6.31 27.32
CA LEU B 164 -28.46 5.88 28.37
C LEU B 164 -26.98 5.95 28.02
N THR B 165 -26.63 5.88 26.73
CA THR B 165 -25.22 5.88 26.34
C THR B 165 -24.68 7.18 25.72
N GLY B 166 -25.51 7.95 25.04
CA GLY B 166 -25.04 9.19 24.45
C GLY B 166 -24.19 8.95 23.19
N VAL B 167 -24.29 7.78 22.57
CA VAL B 167 -23.56 7.51 21.36
C VAL B 167 -24.03 8.39 20.20
N ASP B 168 -23.14 8.63 19.23
CA ASP B 168 -23.43 9.47 18.06
C ASP B 168 -24.16 8.74 16.94
N ALA B 169 -24.06 7.41 16.89
CA ALA B 169 -24.75 6.65 15.84
C ALA B 169 -24.99 5.25 16.34
N LEU B 170 -26.01 4.62 15.79
CA LEU B 170 -26.36 3.28 16.21
C LEU B 170 -26.48 2.31 15.06
N ALA B 171 -25.78 1.17 15.17
CA ALA B 171 -25.87 0.17 14.14
C ALA B 171 -27.09 -0.68 14.45
N VAL B 172 -27.94 -0.90 13.46
CA VAL B 172 -29.14 -1.67 13.71
C VAL B 172 -29.09 -3.08 13.10
N ALA B 173 -29.85 -4.01 13.68
CA ALA B 173 -29.90 -5.41 13.20
C ALA B 173 -31.23 -5.60 12.54
N ILE B 174 -31.19 -5.81 11.24
CA ILE B 174 -32.40 -5.93 10.44
C ILE B 174 -32.34 -7.06 9.39
N GLY B 175 -31.53 -8.08 9.65
CA GLY B 175 -31.45 -9.20 8.73
C GLY B 175 -30.27 -9.26 7.80
N THR B 176 -29.33 -8.31 7.86
CA THR B 176 -28.16 -8.37 7.00
C THR B 176 -27.08 -9.17 7.71
N SER B 177 -26.06 -9.53 6.97
CA SER B 177 -25.02 -10.27 7.60
C SER B 177 -23.80 -10.04 6.74
N HIS B 178 -22.63 -10.29 7.31
CA HIS B 178 -21.34 -10.14 6.60
C HIS B 178 -21.12 -11.25 5.53
N GLY B 179 -20.33 -10.94 4.50
CA GLY B 179 -19.94 -11.94 3.53
C GLY B 179 -20.67 -11.93 2.23
N ALA B 180 -20.26 -12.82 1.32
CA ALA B 180 -20.85 -12.86 -0.02
C ALA B 180 -21.99 -13.89 -0.21
N TYR B 181 -22.47 -14.49 0.86
CA TYR B 181 -23.54 -15.50 0.77
C TYR B 181 -24.59 -15.11 1.79
N LYS B 182 -25.17 -13.92 1.62
CA LYS B 182 -26.12 -13.38 2.59
C LYS B 182 -27.51 -14.04 2.68
N PHE B 183 -28.02 -14.54 1.55
CA PHE B 183 -29.36 -15.16 1.48
C PHE B 183 -29.20 -16.41 0.64
N LYS B 184 -29.98 -17.46 0.90
CA LYS B 184 -29.86 -18.70 0.12
C LYS B 184 -30.07 -18.57 -1.39
N SER B 185 -30.97 -17.69 -1.82
CA SER B 185 -31.14 -17.49 -3.25
C SER B 185 -31.60 -16.05 -3.40
N GLU B 186 -31.43 -15.49 -4.59
CA GLU B 186 -31.82 -14.10 -4.87
C GLU B 186 -33.34 -13.97 -4.90
N SER B 187 -34.03 -15.10 -5.05
CA SER B 187 -35.48 -15.11 -5.13
C SER B 187 -36.15 -15.02 -3.75
N ASP B 188 -35.41 -15.30 -2.70
CA ASP B 188 -35.98 -15.24 -1.37
C ASP B 188 -35.11 -14.44 -0.43
N ILE B 189 -35.24 -13.13 -0.52
CA ILE B 189 -34.47 -12.19 0.30
C ILE B 189 -35.44 -11.47 1.24
N ARG B 190 -35.33 -11.75 2.53
CA ARG B 190 -36.24 -11.13 3.50
C ARG B 190 -35.46 -10.24 4.50
N LEU B 191 -35.82 -8.96 4.57
CA LEU B 191 -35.20 -8.03 5.51
C LEU B 191 -36.27 -7.40 6.43
N ALA B 192 -35.84 -6.75 7.51
CA ALA B 192 -36.76 -6.10 8.47
C ALA B 192 -36.62 -4.58 8.38
N ILE B 193 -36.78 -4.05 7.19
CA ILE B 193 -36.64 -2.61 6.95
C ILE B 193 -37.74 -1.75 7.51
N ASP B 194 -38.90 -2.35 7.70
CA ASP B 194 -40.03 -1.61 8.21
C ASP B 194 -39.76 -0.81 9.46
N ARG B 195 -38.86 -1.33 10.31
CA ARG B 195 -38.57 -0.72 11.58
C ARG B 195 -37.51 0.39 11.60
N VAL B 196 -36.81 0.59 10.48
CA VAL B 196 -35.78 1.62 10.41
C VAL B 196 -36.30 3.02 10.76
N LYS B 197 -37.40 3.40 10.13
CA LYS B 197 -38.03 4.69 10.36
C LYS B 197 -38.38 4.84 11.84
N THR B 198 -38.97 3.79 12.41
CA THR B 198 -39.35 3.79 13.80
C THR B 198 -38.09 4.01 14.69
N ILE B 199 -37.03 3.25 14.46
CA ILE B 199 -35.80 3.41 15.27
C ILE B 199 -35.24 4.82 15.09
N SER B 200 -35.35 5.34 13.88
CA SER B 200 -34.83 6.67 13.55
C SER B 200 -35.56 7.76 14.34
N ASP B 201 -36.89 7.72 14.36
CA ASP B 201 -37.69 8.71 15.10
C ASP B 201 -37.55 8.54 16.60
N LEU B 202 -37.59 7.30 17.06
CA LEU B 202 -37.47 7.04 18.50
C LEU B 202 -36.13 7.54 19.05
N THR B 203 -35.03 7.29 18.32
CA THR B 203 -33.71 7.67 18.79
C THR B 203 -33.30 9.09 18.45
N GLY B 204 -33.72 9.55 17.28
CA GLY B 204 -33.36 10.89 16.85
C GLY B 204 -31.90 11.00 16.37
N ILE B 205 -31.24 9.85 16.16
CA ILE B 205 -29.85 9.88 15.71
C ILE B 205 -29.60 9.08 14.44
N PRO B 206 -28.48 9.33 13.78
CA PRO B 206 -28.13 8.62 12.55
C PRO B 206 -28.02 7.11 12.81
N LEU B 207 -28.53 6.31 11.87
CA LEU B 207 -28.45 4.85 11.97
C LEU B 207 -27.44 4.27 10.99
N VAL B 208 -26.88 3.12 11.35
CA VAL B 208 -25.84 2.48 10.54
C VAL B 208 -26.23 1.08 10.10
N MET B 209 -25.96 0.77 8.84
CA MET B 209 -26.19 -0.57 8.34
C MET B 209 -24.86 -1.31 8.13
N HIS B 210 -24.77 -2.52 8.68
CA HIS B 210 -23.61 -3.39 8.52
C HIS B 210 -23.93 -4.50 7.52
N GLY B 211 -22.90 -5.15 7.00
CA GLY B 211 -23.11 -6.26 6.10
C GLY B 211 -24.00 -5.87 4.94
N SER B 212 -23.70 -4.75 4.31
CA SER B 212 -24.52 -4.27 3.22
C SER B 212 -23.92 -4.19 1.81
N SER B 213 -22.99 -5.10 1.48
CA SER B 213 -22.44 -5.19 0.12
C SER B 213 -23.60 -5.75 -0.71
N SER B 214 -23.66 -5.37 -1.98
CA SER B 214 -24.73 -5.80 -2.87
C SER B 214 -24.42 -7.02 -3.72
N VAL B 215 -23.16 -7.42 -3.74
CA VAL B 215 -22.68 -8.52 -4.57
C VAL B 215 -23.27 -8.27 -5.98
N PRO B 216 -22.76 -7.24 -6.67
CA PRO B 216 -23.22 -6.89 -8.02
C PRO B 216 -22.86 -8.02 -8.99
N LYS B 217 -23.76 -8.31 -9.94
CA LYS B 217 -23.57 -9.38 -10.93
C LYS B 217 -22.28 -9.35 -11.74
N ASP B 218 -21.97 -8.20 -12.35
CA ASP B 218 -20.74 -8.15 -13.15
C ASP B 218 -19.54 -8.56 -12.34
N VAL B 219 -19.40 -8.03 -11.11
CA VAL B 219 -18.26 -8.40 -10.29
C VAL B 219 -18.31 -9.90 -10.02
N LYS B 220 -19.49 -10.46 -9.68
CA LYS B 220 -19.60 -11.89 -9.41
C LYS B 220 -19.25 -12.74 -10.63
N ASP B 221 -19.72 -12.32 -11.81
CA ASP B 221 -19.45 -13.03 -13.06
C ASP B 221 -17.96 -13.04 -13.39
N MET B 222 -17.29 -11.91 -13.21
CA MET B 222 -15.85 -11.90 -13.48
C MET B 222 -15.11 -12.92 -12.60
N ILE B 223 -15.38 -12.94 -11.30
CA ILE B 223 -14.67 -13.92 -10.47
C ILE B 223 -14.92 -15.34 -10.97
N ASN B 224 -16.18 -15.70 -11.18
CA ASN B 224 -16.49 -17.05 -11.65
C ASN B 224 -16.05 -17.35 -13.09
N LYS B 225 -15.85 -16.33 -13.90
CA LYS B 225 -15.44 -16.56 -15.27
C LYS B 225 -13.97 -16.92 -15.35
N TYR B 226 -13.17 -16.30 -14.49
CA TYR B 226 -11.76 -16.52 -14.49
C TYR B 226 -11.18 -17.43 -13.38
N GLY B 227 -11.86 -18.52 -13.09
CA GLY B 227 -11.30 -19.47 -12.14
C GLY B 227 -11.76 -19.41 -10.70
N GLY B 228 -12.43 -18.33 -10.33
CA GLY B 228 -12.93 -18.19 -8.98
C GLY B 228 -14.04 -19.20 -8.77
N LYS B 229 -14.44 -19.40 -7.52
CA LYS B 229 -15.49 -20.33 -7.16
C LYS B 229 -16.45 -19.72 -6.16
N MET B 230 -17.35 -18.90 -6.67
CA MET B 230 -18.34 -18.19 -5.84
C MET B 230 -19.68 -18.19 -6.59
N PRO B 231 -20.12 -19.38 -7.03
CA PRO B 231 -21.37 -19.54 -7.79
C PRO B 231 -22.67 -19.10 -7.11
N ASP B 232 -22.76 -19.27 -5.79
CA ASP B 232 -23.98 -18.93 -5.05
C ASP B 232 -23.99 -17.62 -4.29
N ALA B 233 -23.02 -16.76 -4.56
CA ALA B 233 -22.91 -15.48 -3.87
C ALA B 233 -24.14 -14.60 -4.03
N VAL B 234 -24.59 -13.96 -2.95
CA VAL B 234 -25.74 -13.05 -3.03
C VAL B 234 -25.62 -11.91 -2.02
N GLY B 235 -25.95 -10.70 -2.45
CA GLY B 235 -25.86 -9.55 -1.56
C GLY B 235 -27.21 -8.88 -1.27
N VAL B 236 -27.14 -7.70 -0.65
CA VAL B 236 -28.34 -6.95 -0.35
C VAL B 236 -28.67 -6.13 -1.58
N PRO B 237 -29.91 -6.24 -2.10
CA PRO B 237 -30.27 -5.45 -3.29
C PRO B 237 -30.06 -3.96 -2.95
N ILE B 238 -29.49 -3.19 -3.88
CA ILE B 238 -29.31 -1.76 -3.67
C ILE B 238 -30.61 -1.00 -3.44
N GLU B 239 -31.72 -1.43 -4.04
CA GLU B 239 -32.98 -0.70 -3.83
C GLU B 239 -33.41 -0.76 -2.37
N SER B 240 -33.13 -1.87 -1.71
CA SER B 240 -33.45 -2.03 -0.30
C SER B 240 -32.61 -1.06 0.57
N ILE B 241 -31.35 -0.83 0.20
CA ILE B 241 -30.49 0.08 0.97
C ILE B 241 -30.96 1.52 0.74
N VAL B 242 -31.33 1.81 -0.51
CA VAL B 242 -31.78 3.14 -0.88
C VAL B 242 -33.03 3.48 -0.07
N HIS B 243 -33.89 2.49 0.10
CA HIS B 243 -35.09 2.71 0.89
C HIS B 243 -34.75 2.93 2.38
N ALA B 244 -33.92 2.07 2.97
CA ALA B 244 -33.52 2.28 4.35
C ALA B 244 -32.88 3.68 4.59
N ILE B 245 -32.10 4.15 3.63
CA ILE B 245 -31.47 5.47 3.75
C ILE B 245 -32.56 6.54 3.89
N GLY B 246 -33.56 6.51 3.01
CA GLY B 246 -34.66 7.46 3.13
C GLY B 246 -35.40 7.38 4.47
N GLU B 247 -35.23 6.30 5.23
CA GLU B 247 -35.92 6.15 6.51
C GLU B 247 -35.03 6.43 7.71
N GLY B 248 -33.79 6.87 7.47
CA GLY B 248 -32.92 7.19 8.59
C GLY B 248 -31.54 6.59 8.63
N VAL B 249 -31.25 5.60 7.78
CA VAL B 249 -29.91 5.00 7.76
C VAL B 249 -28.95 5.99 7.13
N CYS B 250 -27.89 6.37 7.85
CA CYS B 250 -26.94 7.35 7.31
C CYS B 250 -25.54 6.82 6.98
N LYS B 251 -25.24 5.58 7.36
CA LYS B 251 -23.92 5.02 7.16
C LYS B 251 -24.12 3.59 6.69
N ILE B 252 -23.43 3.22 5.64
CA ILE B 252 -23.57 1.87 5.08
C ILE B 252 -22.18 1.27 4.91
N ASN B 253 -21.93 0.20 5.65
CA ASN B 253 -20.65 -0.49 5.62
C ASN B 253 -20.55 -1.46 4.47
N VAL B 254 -19.54 -1.28 3.61
CA VAL B 254 -19.31 -2.11 2.43
C VAL B 254 -17.82 -2.51 2.36
N ASP B 255 -17.58 -3.81 2.28
CA ASP B 255 -16.24 -4.38 2.24
C ASP B 255 -16.15 -5.52 1.19
N SER B 256 -17.02 -6.53 1.30
CA SER B 256 -17.05 -7.64 0.35
C SER B 256 -17.05 -7.18 -1.11
N ASP B 257 -17.90 -6.21 -1.47
CA ASP B 257 -17.92 -5.74 -2.88
C ASP B 257 -16.54 -5.29 -3.36
N SER B 258 -15.83 -4.48 -2.57
CA SER B 258 -14.50 -4.08 -3.01
C SER B 258 -13.57 -5.31 -3.05
N ARG B 259 -13.68 -6.24 -2.10
CA ARG B 259 -12.80 -7.39 -2.12
C ARG B 259 -12.98 -8.14 -3.44
N MET B 260 -14.24 -8.38 -3.79
CA MET B 260 -14.58 -9.07 -5.04
C MET B 260 -14.19 -8.30 -6.27
N ALA B 261 -14.41 -6.99 -6.28
CA ALA B 261 -14.04 -6.23 -7.47
C ALA B 261 -12.52 -6.32 -7.73
N MET B 262 -11.69 -6.23 -6.70
CA MET B 262 -10.26 -6.31 -6.89
C MET B 262 -9.88 -7.73 -7.31
N THR B 263 -10.41 -8.73 -6.61
CA THR B 263 -10.10 -10.11 -6.94
C THR B 263 -10.51 -10.51 -8.37
N GLY B 264 -11.69 -10.11 -8.84
CA GLY B 264 -12.08 -10.47 -10.20
C GLY B 264 -11.16 -9.86 -11.26
N ALA B 265 -10.67 -8.66 -11.01
CA ALA B 265 -9.82 -7.96 -11.97
C ALA B 265 -8.46 -8.62 -12.12
N ILE B 266 -7.86 -9.00 -10.99
CA ILE B 266 -6.58 -9.68 -10.99
C ILE B 266 -6.74 -11.04 -11.73
N ARG B 267 -7.75 -11.83 -11.38
CA ARG B 267 -8.04 -13.11 -12.04
C ARG B 267 -8.23 -12.97 -13.57
N LYS B 268 -8.87 -11.90 -14.03
CA LYS B 268 -9.02 -11.69 -15.47
C LYS B 268 -7.60 -11.44 -16.11
N VAL B 269 -6.77 -10.54 -15.54
CA VAL B 269 -5.45 -10.31 -16.16
C VAL B 269 -4.63 -11.61 -16.17
N PHE B 270 -4.65 -12.36 -15.06
CA PHE B 270 -3.96 -13.64 -14.98
C PHE B 270 -4.30 -14.56 -16.16
N VAL B 271 -5.59 -14.73 -16.45
CA VAL B 271 -6.05 -15.53 -17.59
C VAL B 271 -5.76 -14.88 -18.96
N GLU B 272 -5.97 -13.57 -19.11
CA GLU B 272 -5.75 -12.97 -20.43
C GLU B 272 -4.30 -12.66 -20.84
N HIS B 273 -3.45 -12.39 -19.85
CA HIS B 273 -2.05 -12.10 -20.12
C HIS B 273 -1.26 -12.89 -19.11
N PRO B 274 -1.24 -14.21 -19.29
CA PRO B 274 -0.51 -15.04 -18.34
C PRO B 274 0.99 -14.82 -18.25
N GLU B 275 1.57 -14.06 -19.19
CA GLU B 275 3.00 -13.80 -19.13
C GLU B 275 3.33 -12.58 -18.26
N LYS B 276 2.33 -11.82 -17.83
CA LYS B 276 2.61 -10.63 -17.03
C LYS B 276 2.84 -11.00 -15.57
N PHE B 277 3.83 -10.34 -14.95
CA PHE B 277 4.18 -10.63 -13.56
C PHE B 277 4.44 -9.41 -12.70
N ASP B 278 4.34 -8.21 -13.28
CA ASP B 278 4.50 -7.00 -12.50
C ASP B 278 3.17 -6.75 -11.74
N PRO B 279 3.25 -6.68 -10.40
CA PRO B 279 2.06 -6.43 -9.56
C PRO B 279 1.26 -5.17 -9.98
N ARG B 280 1.93 -4.16 -10.53
CA ARG B 280 1.22 -2.96 -10.99
C ARG B 280 0.28 -3.32 -12.16
N ASP B 281 0.59 -4.39 -12.91
CA ASP B 281 -0.24 -4.80 -14.06
C ASP B 281 -1.58 -5.39 -13.69
N TYR B 282 -1.71 -5.91 -12.47
CA TYR B 282 -3.01 -6.45 -12.06
C TYR B 282 -3.63 -5.70 -10.88
N LEU B 283 -2.81 -5.17 -9.98
CA LEU B 283 -3.37 -4.44 -8.86
C LEU B 283 -3.87 -3.08 -9.41
N GLY B 284 -3.27 -2.61 -10.52
CA GLY B 284 -3.72 -1.33 -11.10
C GLY B 284 -5.18 -1.52 -11.53
N PRO B 285 -5.45 -2.55 -12.35
CA PRO B 285 -6.82 -2.83 -12.79
C PRO B 285 -7.73 -3.16 -11.59
N GLY B 286 -7.17 -3.84 -10.57
CA GLY B 286 -7.90 -4.16 -9.34
C GLY B 286 -8.39 -2.86 -8.67
N ARG B 287 -7.50 -1.87 -8.60
CA ARG B 287 -7.84 -0.55 -8.02
C ARG B 287 -8.93 0.14 -8.82
N ASP B 288 -8.78 0.18 -10.14
CA ASP B 288 -9.80 0.81 -10.98
C ASP B 288 -11.13 0.06 -10.92
N ALA B 289 -11.10 -1.27 -10.79
CA ALA B 289 -12.35 -2.02 -10.72
C ALA B 289 -13.14 -1.54 -9.51
N ILE B 290 -12.44 -1.34 -8.40
CA ILE B 290 -13.07 -0.87 -7.16
C ILE B 290 -13.70 0.48 -7.44
N THR B 291 -12.96 1.36 -8.09
CA THR B 291 -13.52 2.67 -8.36
C THR B 291 -14.81 2.58 -9.18
N GLU B 292 -14.78 1.85 -10.30
CA GLU B 292 -15.96 1.78 -11.16
C GLU B 292 -17.18 1.12 -10.51
N MET B 293 -16.93 0.14 -9.65
CA MET B 293 -18.00 -0.57 -8.96
C MET B 293 -18.69 0.34 -7.92
N LEU B 294 -17.90 1.24 -7.32
CA LEU B 294 -18.31 2.17 -6.27
C LEU B 294 -19.04 3.43 -6.75
N ILE B 295 -18.81 3.86 -7.99
CA ILE B 295 -19.45 5.07 -8.47
C ILE B 295 -20.97 4.99 -8.53
N PRO B 296 -21.52 3.93 -9.14
CA PRO B 296 -22.98 3.86 -9.17
C PRO B 296 -23.52 3.65 -7.74
N LYS B 297 -22.77 2.93 -6.91
CA LYS B 297 -23.17 2.70 -5.52
C LYS B 297 -23.24 4.00 -4.74
N ILE B 298 -22.20 4.83 -4.80
CA ILE B 298 -22.22 6.13 -4.09
C ILE B 298 -23.32 7.05 -4.64
N LYS B 299 -23.55 7.00 -5.95
CA LYS B 299 -24.62 7.80 -6.54
C LYS B 299 -25.98 7.43 -5.95
N ALA B 300 -26.22 6.14 -5.81
CA ALA B 300 -27.49 5.68 -5.25
C ALA B 300 -27.58 6.00 -3.73
N PHE B 301 -26.47 5.95 -3.00
CA PHE B 301 -26.52 6.26 -1.54
C PHE B 301 -26.97 7.73 -1.33
N GLY B 302 -26.67 8.59 -2.31
CA GLY B 302 -27.10 9.98 -2.27
C GLY B 302 -26.09 11.05 -1.85
N SER B 303 -24.88 10.64 -1.52
CA SER B 303 -23.85 11.55 -1.04
C SER B 303 -23.09 12.37 -2.08
N ALA B 304 -23.25 12.05 -3.36
CA ALA B 304 -22.55 12.80 -4.40
C ALA B 304 -22.92 14.30 -4.31
N GLY B 305 -21.96 15.20 -4.57
CA GLY B 305 -22.19 16.65 -4.51
C GLY B 305 -22.27 17.31 -3.13
N HIS B 306 -22.21 16.50 -2.06
CA HIS B 306 -22.31 17.07 -0.73
C HIS B 306 -21.02 17.36 -0.02
N ALA B 307 -19.88 16.96 -0.58
CA ALA B 307 -18.62 17.22 0.07
C ALA B 307 -18.44 18.71 0.47
N GLY B 308 -18.99 19.65 -0.32
CA GLY B 308 -18.81 21.06 0.00
C GLY B 308 -19.90 21.75 0.83
N ASP B 309 -20.80 20.97 1.42
CA ASP B 309 -21.92 21.54 2.18
C ASP B 309 -21.60 22.15 3.53
N TYR B 310 -20.50 21.74 4.15
CA TYR B 310 -20.22 22.25 5.49
C TYR B 310 -18.74 22.49 5.77
N LYS B 311 -18.47 23.33 6.76
CA LYS B 311 -17.11 23.60 7.17
C LYS B 311 -16.84 22.53 8.22
N VAL B 312 -15.75 21.78 8.08
CA VAL B 312 -15.46 20.67 9.00
C VAL B 312 -14.92 21.06 10.39
N VAL B 313 -15.62 20.64 11.42
CA VAL B 313 -15.23 20.93 12.80
C VAL B 313 -14.16 19.93 13.20
N SER B 314 -13.03 20.43 13.68
CA SER B 314 -11.92 19.57 14.07
C SER B 314 -12.19 18.83 15.39
N LEU B 315 -11.39 17.80 15.68
CA LEU B 315 -11.53 17.05 16.93
C LEU B 315 -11.43 17.98 18.12
N GLU B 316 -10.48 18.91 18.09
CA GLU B 316 -10.33 19.84 19.20
C GLU B 316 -11.60 20.63 19.47
N GLU B 317 -12.18 21.23 18.44
CA GLU B 317 -13.41 22.02 18.60
C GLU B 317 -14.54 21.09 19.00
N ALA B 318 -14.53 19.87 18.47
CA ALA B 318 -15.60 18.92 18.76
C ALA B 318 -15.75 18.62 20.25
N LYS B 319 -14.69 18.82 21.02
CA LYS B 319 -14.76 18.57 22.45
C LYS B 319 -15.87 19.37 23.09
N ALA B 320 -16.14 20.55 22.54
CA ALA B 320 -17.17 21.43 23.08
C ALA B 320 -18.55 20.84 23.00
N TRP B 321 -18.77 19.94 22.06
CA TRP B 321 -20.10 19.33 21.92
C TRP B 321 -20.46 18.50 23.13
N TYR B 322 -19.44 18.02 23.85
CA TYR B 322 -19.68 17.13 24.97
C TYR B 322 -19.35 17.69 26.35
N LYS B 323 -19.17 19.00 26.42
CA LYS B 323 -18.91 19.63 27.73
C LYS B 323 -20.12 20.49 28.13
ZN ZN C . 17.05 1.55 -12.33
P1 P6F D . 15.83 -6.39 -12.82
O1P P6F D . 14.84 -6.68 -13.89
O2P P6F D . 15.19 -6.59 -11.36
O3P P6F D . 17.13 -7.32 -12.93
O1 P6F D . 16.39 -4.87 -12.87
C1 P6F D . 16.17 -3.98 -11.77
C2 P6F D . 16.79 -2.62 -12.05
O2 P6F D . 17.90 -2.53 -12.55
C3 P6F D . 16.00 -1.37 -11.63
O3 P6F D . 16.88 -0.29 -11.29
C4 P6F D . 15.07 -0.97 -12.77
O4 P6F D . 15.42 0.33 -13.24
C5 P6F D . 13.62 -0.94 -12.26
O5 P6F D . 13.22 -2.27 -11.93
C6 P6F D . 12.63 -0.38 -13.29
O6 P6F D . 11.35 -0.19 -12.68
P2 P6F D . 10.23 0.70 -13.41
O4P P6F D . 9.14 1.09 -12.28
O5P P6F D . 9.50 -0.30 -14.45
O6P P6F D . 10.80 1.88 -14.09
ZN ZN E . 17.50 0.58 -13.24
ZN ZN F . -17.91 -3.89 11.04
P1 P6F G . -20.05 -6.95 3.80
O1P P6F G . -19.66 -8.38 3.84
O2P P6F G . -19.11 -6.11 2.81
O3P P6F G . -21.57 -6.75 3.32
O1 P6F G . -19.96 -6.28 5.27
C1 P6F G . -19.06 -5.21 5.54
C2 P6F G . -19.15 -4.76 7.00
O2 P6F G . -20.24 -4.71 7.57
C3 P6F G . -17.89 -4.35 7.75
O3 P6F G . -18.27 -3.49 8.83
C4 P6F G . -17.16 -5.58 8.33
O4 P6F G . -17.04 -5.42 9.75
C5 P6F G . -15.76 -5.71 7.71
O5 P6F G . -15.90 -6.14 6.36
C6 P6F G . -14.90 -6.73 8.47
O6 P6F G . -13.55 -6.71 8.03
P2 P6F G . -12.44 -7.63 8.75
O4P P6F G . -10.99 -6.99 8.46
O5P P6F G . -12.44 -9.02 7.93
O6P P6F G . -12.67 -7.82 10.19
ZN ZN H . -18.94 -5.05 10.46
#